data_7N6S
#
_entry.id   7N6S
#
_cell.length_a   50.720
_cell.length_b   87.000
_cell.length_c   183.340
_cell.angle_alpha   90.000
_cell.angle_beta   90.000
_cell.angle_gamma   90.000
#
_symmetry.space_group_name_H-M   'P 21 21 21'
#
loop_
_entity.id
_entity.type
_entity.pdbx_description
1 polymer "Deoxyuridine 5'-triphosphate nucleotidohydrolase"
2 non-polymer "2'-DEOXYURIDINE 5'-MONOPHOSPHATE"
3 water water
#
_entity_poly.entity_id   1
_entity_poly.type   'polypeptide(L)'
_entity_poly.pdbx_seq_one_letter_code
;GPGSMTIIEVKIKKLENFLGNLPEYATEHSAGMDLVAANEQSITIKVGSIQLIPTGIAIALPESFEAQIRPRSGLAVKHG
ITVANSPGTIDADYRGEIKVLLINLGNKDFIIEKGMRIAQMIIAKYERVLWAETSILTETMRGRGGFGSTGL
;
_entity_poly.pdbx_strand_id   A,B,C,D,E,F
#
# COMPACT_ATOMS: atom_id res chain seq x y z
N SER A 4 -14.22 -44.56 0.87
CA SER A 4 -15.39 -44.06 0.14
C SER A 4 -15.64 -42.55 0.28
N MET A 5 -15.68 -41.85 -0.86
CA MET A 5 -16.28 -40.52 -0.86
C MET A 5 -17.77 -40.63 -0.51
N THR A 6 -18.31 -39.57 0.04
CA THR A 6 -19.75 -39.47 0.22
C THR A 6 -20.28 -38.26 -0.53
N ILE A 7 -21.49 -38.39 -1.02
CA ILE A 7 -22.13 -37.35 -1.84
C ILE A 7 -23.12 -36.59 -0.97
N ILE A 8 -23.13 -35.27 -1.08
CA ILE A 8 -24.15 -34.45 -0.44
C ILE A 8 -24.84 -33.64 -1.53
N GLU A 9 -26.16 -33.73 -1.58
CA GLU A 9 -26.89 -32.95 -2.56
C GLU A 9 -27.09 -31.52 -2.03
N VAL A 10 -26.76 -30.53 -2.86
CA VAL A 10 -26.89 -29.12 -2.49
C VAL A 10 -27.70 -28.40 -3.58
N LYS A 11 -28.73 -27.66 -3.17
CA LYS A 11 -29.50 -26.91 -4.14
C LYS A 11 -28.71 -25.71 -4.65
N ILE A 12 -28.85 -25.41 -5.94
CA ILE A 12 -28.09 -24.30 -6.54
C ILE A 12 -28.97 -23.59 -7.55
N LYS A 13 -28.98 -22.26 -7.47
CA LYS A 13 -29.78 -21.40 -8.34
C LYS A 13 -28.83 -20.57 -9.20
N LYS A 14 -29.08 -20.57 -10.52
CA LYS A 14 -28.32 -19.71 -11.41
C LYS A 14 -28.92 -18.32 -11.41
N LEU A 15 -28.09 -17.32 -11.20
CA LEU A 15 -28.55 -15.93 -11.26
C LEU A 15 -28.37 -15.40 -12.69
N GLU A 16 -28.86 -14.18 -12.92
CA GLU A 16 -28.89 -13.63 -14.29
C GLU A 16 -27.50 -13.52 -14.91
N ASN A 17 -26.46 -13.32 -14.08
CA ASN A 17 -25.10 -13.14 -14.58
C ASN A 17 -24.30 -14.44 -14.70
N PHE A 18 -24.90 -15.60 -14.39
CA PHE A 18 -24.19 -16.86 -14.57
C PHE A 18 -24.07 -17.21 -16.04
N LEU A 19 -22.88 -17.69 -16.41
CA LEU A 19 -22.58 -18.16 -17.75
C LEU A 19 -22.03 -19.57 -17.66
N GLY A 20 -22.37 -20.40 -18.64
CA GLY A 20 -21.80 -21.72 -18.67
C GLY A 20 -22.27 -22.57 -17.50
N ASN A 21 -21.36 -23.36 -16.96
CA ASN A 21 -21.71 -24.53 -16.17
C ASN A 21 -21.59 -24.27 -14.67
N LEU A 22 -22.40 -25.00 -13.91
CA LEU A 22 -22.34 -25.04 -12.45
C LEU A 22 -20.92 -25.40 -12.01
N PRO A 23 -20.49 -24.97 -10.83
CA PRO A 23 -19.11 -25.21 -10.40
C PRO A 23 -18.77 -26.70 -10.46
N GLU A 24 -17.59 -26.99 -11.00
CA GLU A 24 -17.14 -28.36 -11.25
C GLU A 24 -15.88 -28.69 -10.45
N TYR A 25 -15.82 -29.94 -9.98
CA TYR A 25 -14.59 -30.52 -9.46
C TYR A 25 -13.63 -30.79 -10.61
N ALA A 26 -12.40 -30.30 -10.49
CA ALA A 26 -11.41 -30.52 -11.55
C ALA A 26 -11.19 -32.01 -11.78
N THR A 27 -11.12 -32.81 -10.71
CA THR A 27 -10.96 -34.26 -10.82
C THR A 27 -11.97 -34.94 -9.91
N GLU A 28 -12.15 -36.24 -10.10
CA GLU A 28 -13.11 -36.99 -9.30
C GLU A 28 -12.79 -36.93 -7.82
N HIS A 29 -11.53 -36.70 -7.43
CA HIS A 29 -11.13 -36.70 -6.03
C HIS A 29 -10.71 -35.32 -5.52
N SER A 30 -11.09 -34.26 -6.23
CA SER A 30 -10.82 -32.90 -5.76
C SER A 30 -11.64 -32.57 -4.51
N ALA A 31 -11.00 -31.88 -3.57
CA ALA A 31 -11.73 -31.45 -2.38
C ALA A 31 -12.74 -30.37 -2.72
N GLY A 32 -12.45 -29.53 -3.70
CA GLY A 32 -13.24 -28.34 -3.94
C GLY A 32 -13.60 -28.20 -5.40
N MET A 33 -14.63 -27.39 -5.64
CA MET A 33 -15.04 -27.03 -6.99
C MET A 33 -14.42 -25.69 -7.38
N ASP A 34 -14.11 -25.54 -8.67
CA ASP A 34 -13.54 -24.28 -9.16
C ASP A 34 -14.64 -23.24 -9.28
N LEU A 35 -14.42 -22.08 -8.68
CA LEU A 35 -15.32 -20.95 -8.85
C LEU A 35 -14.82 -20.07 -9.97
N VAL A 36 -15.73 -19.65 -10.86
CA VAL A 36 -15.39 -18.94 -12.09
C VAL A 36 -15.93 -17.52 -12.01
N ALA A 37 -15.10 -16.54 -12.39
CA ALA A 37 -15.53 -15.14 -12.44
C ALA A 37 -16.71 -14.96 -13.39
N ALA A 38 -17.74 -14.27 -12.93
CA ALA A 38 -18.93 -14.05 -13.74
C ALA A 38 -19.20 -12.56 -13.91
N ASN A 39 -18.18 -11.72 -13.85
CA ASN A 39 -18.35 -10.30 -14.15
C ASN A 39 -18.46 -10.09 -15.65
N GLU A 40 -19.51 -9.38 -16.06
CA GLU A 40 -19.72 -9.11 -17.48
C GLU A 40 -18.60 -8.27 -18.07
N GLN A 41 -18.21 -7.23 -17.35
CA GLN A 41 -17.12 -6.35 -17.79
C GLN A 41 -15.88 -6.64 -16.96
N SER A 42 -14.72 -6.61 -17.61
CA SER A 42 -13.49 -6.93 -16.91
C SER A 42 -13.31 -6.00 -15.72
N ILE A 43 -12.66 -6.52 -14.69
CA ILE A 43 -12.39 -5.81 -13.44
C ILE A 43 -10.89 -5.80 -13.25
N THR A 44 -10.29 -4.60 -13.23
CA THR A 44 -8.87 -4.48 -12.93
C THR A 44 -8.67 -4.44 -11.42
N ILE A 45 -7.74 -5.25 -10.92
CA ILE A 45 -7.36 -5.21 -9.51
C ILE A 45 -5.95 -4.63 -9.50
N LYS A 46 -5.82 -3.37 -9.12
CA LYS A 46 -4.51 -2.76 -9.10
C LYS A 46 -3.68 -3.28 -7.94
N VAL A 47 -2.36 -3.08 -8.05
CA VAL A 47 -1.45 -3.44 -6.96
C VAL A 47 -1.98 -2.88 -5.63
N GLY A 48 -2.12 -3.77 -4.65
CA GLY A 48 -2.60 -3.45 -3.32
C GLY A 48 -4.10 -3.32 -3.16
N SER A 49 -4.88 -3.53 -4.21
CA SER A 49 -6.32 -3.34 -4.14
C SER A 49 -7.04 -4.62 -3.78
N ILE A 50 -8.25 -4.44 -3.25
CA ILE A 50 -9.20 -5.52 -2.96
C ILE A 50 -10.41 -5.32 -3.88
N GLN A 51 -10.88 -6.39 -4.51
CA GLN A 51 -12.02 -6.33 -5.42
C GLN A 51 -12.93 -7.53 -5.19
N LEU A 52 -14.23 -7.28 -5.10
CA LEU A 52 -15.23 -8.32 -5.01
C LEU A 52 -15.64 -8.79 -6.40
N ILE A 53 -15.59 -10.09 -6.63
CA ILE A 53 -15.89 -10.69 -7.94
C ILE A 53 -17.14 -11.55 -7.81
N PRO A 54 -18.14 -11.36 -8.67
CA PRO A 54 -19.35 -12.21 -8.60
C PRO A 54 -19.16 -13.56 -9.28
N THR A 55 -19.93 -14.55 -8.81
CA THR A 55 -19.93 -15.88 -9.42
C THR A 55 -21.23 -16.24 -10.11
N GLY A 56 -22.32 -15.50 -9.88
CA GLY A 56 -23.53 -15.83 -10.59
C GLY A 56 -24.35 -16.96 -10.02
N ILE A 57 -24.01 -17.46 -8.82
CA ILE A 57 -24.73 -18.57 -8.23
C ILE A 57 -25.12 -18.24 -6.80
N ALA A 58 -26.20 -18.88 -6.34
CA ALA A 58 -26.63 -18.91 -4.94
C ALA A 58 -26.88 -20.37 -4.60
N ILE A 59 -26.60 -20.76 -3.35
CA ILE A 59 -26.75 -22.17 -2.97
C ILE A 59 -27.51 -22.25 -1.64
N ALA A 60 -28.07 -23.43 -1.40
CA ALA A 60 -28.71 -23.74 -0.11
C ALA A 60 -28.06 -25.00 0.45
N LEU A 61 -27.07 -24.82 1.33
CA LEU A 61 -26.42 -25.97 1.94
C LEU A 61 -27.34 -26.67 2.94
N PRO A 62 -27.30 -27.99 3.02
CA PRO A 62 -28.05 -28.70 4.06
C PRO A 62 -27.51 -28.36 5.44
N GLU A 63 -28.38 -28.57 6.42
CA GLU A 63 -28.03 -28.32 7.80
C GLU A 63 -26.75 -29.05 8.19
N SER A 64 -25.87 -28.35 8.90
CA SER A 64 -24.62 -28.83 9.49
C SER A 64 -23.50 -28.82 8.48
N PHE A 65 -23.71 -28.26 7.29
CA PHE A 65 -22.66 -28.09 6.29
C PHE A 65 -22.36 -26.62 6.09
N GLU A 66 -21.13 -26.34 5.67
CA GLU A 66 -20.66 -25.03 5.28
C GLU A 66 -19.89 -25.19 3.97
N ALA A 67 -19.67 -24.09 3.27
CA ALA A 67 -18.76 -24.11 2.13
C ALA A 67 -17.64 -23.13 2.44
N GLN A 68 -16.44 -23.47 2.00
CA GLN A 68 -15.25 -22.68 2.28
C GLN A 68 -14.72 -22.13 0.97
N ILE A 69 -14.52 -20.82 0.92
CA ILE A 69 -13.94 -20.16 -0.25
C ILE A 69 -12.44 -20.03 -0.02
N ARG A 70 -11.63 -20.75 -0.80
CA ARG A 70 -10.19 -20.82 -0.62
C ARG A 70 -9.46 -20.37 -1.88
N PRO A 71 -8.22 -19.91 -1.73
CA PRO A 71 -7.42 -19.54 -2.91
C PRO A 71 -7.02 -20.74 -3.76
N ARG A 72 -6.69 -20.44 -5.02
CA ARG A 72 -6.06 -21.40 -5.91
C ARG A 72 -4.55 -21.13 -5.99
N SER A 73 -3.77 -22.19 -6.14
CA SER A 73 -2.32 -22.05 -6.08
C SER A 73 -1.79 -21.14 -7.19
N GLY A 74 -2.30 -21.29 -8.42
CA GLY A 74 -1.72 -20.57 -9.55
C GLY A 74 -1.77 -19.05 -9.41
N LEU A 75 -2.96 -18.51 -9.10
CA LEU A 75 -3.10 -17.06 -8.97
C LEU A 75 -2.14 -16.50 -7.93
N ALA A 76 -1.94 -17.24 -6.85
CA ALA A 76 -1.07 -16.76 -5.77
C ALA A 76 0.40 -16.79 -6.19
N VAL A 77 0.87 -17.93 -6.68
CA VAL A 77 2.31 -18.06 -6.96
C VAL A 77 2.70 -17.27 -8.20
N LYS A 78 1.79 -17.11 -9.15
CA LYS A 78 2.16 -16.43 -10.40
C LYS A 78 1.85 -14.94 -10.36
N HIS A 79 0.82 -14.52 -9.61
CA HIS A 79 0.39 -13.12 -9.67
C HIS A 79 0.25 -12.46 -8.32
N GLY A 80 0.50 -13.17 -7.23
CA GLY A 80 0.26 -12.59 -5.93
C GLY A 80 -1.19 -12.27 -5.66
N ILE A 81 -2.11 -12.89 -6.41
CA ILE A 81 -3.54 -12.71 -6.18
C ILE A 81 -4.01 -13.77 -5.22
N THR A 82 -4.74 -13.38 -4.17
CA THR A 82 -5.27 -14.39 -3.27
C THR A 82 -6.62 -13.90 -2.73
N VAL A 83 -7.22 -14.70 -1.86
CA VAL A 83 -8.55 -14.42 -1.32
C VAL A 83 -8.39 -13.65 -0.01
N ALA A 84 -8.89 -12.41 0.01
CA ALA A 84 -8.59 -11.49 1.09
C ALA A 84 -9.22 -11.92 2.41
N ASN A 85 -10.36 -12.59 2.38
CA ASN A 85 -11.02 -13.05 3.60
C ASN A 85 -10.90 -14.56 3.77
N SER A 86 -9.81 -15.15 3.30
CA SER A 86 -9.72 -16.60 3.23
C SER A 86 -9.54 -17.22 4.61
N PRO A 87 -10.17 -18.40 4.87
CA PRO A 87 -11.15 -19.02 4.00
C PRO A 87 -12.50 -18.34 4.23
N GLY A 88 -13.16 -17.97 3.12
CA GLY A 88 -14.49 -17.38 3.23
C GLY A 88 -15.48 -18.43 3.67
N THR A 89 -16.39 -18.04 4.57
CA THR A 89 -17.35 -18.98 5.14
C THR A 89 -18.72 -18.77 4.51
N ILE A 90 -19.25 -19.79 3.83
CA ILE A 90 -20.60 -19.74 3.28
C ILE A 90 -21.52 -20.50 4.23
N ASP A 91 -22.44 -19.78 4.87
CA ASP A 91 -23.35 -20.37 5.83
C ASP A 91 -24.52 -21.11 5.16
N ALA A 92 -25.04 -22.12 5.86
CA ALA A 92 -26.12 -22.91 5.32
C ALA A 92 -27.38 -22.10 5.09
N ASP A 93 -27.56 -20.96 5.78
CA ASP A 93 -28.75 -20.15 5.52
C ASP A 93 -28.47 -18.92 4.64
N TYR A 94 -27.32 -18.84 4.01
CA TYR A 94 -27.05 -17.74 3.09
C TYR A 94 -27.79 -18.00 1.80
N ARG A 95 -28.50 -16.98 1.29
CA ARG A 95 -29.29 -17.13 0.08
C ARG A 95 -28.90 -16.10 -0.97
N GLY A 96 -27.84 -15.34 -0.73
CA GLY A 96 -27.37 -14.35 -1.68
C GLY A 96 -26.44 -14.98 -2.71
N GLU A 97 -25.89 -14.12 -3.55
CA GLU A 97 -24.89 -14.53 -4.54
C GLU A 97 -23.56 -14.79 -3.86
N ILE A 98 -22.94 -15.91 -4.19
CA ILE A 98 -21.60 -16.18 -3.73
CA ILE A 98 -21.59 -16.20 -3.74
C ILE A 98 -20.63 -15.25 -4.43
N LYS A 99 -19.82 -14.54 -3.64
CA LYS A 99 -18.83 -13.63 -4.18
C LYS A 99 -17.46 -13.99 -3.62
N VAL A 100 -16.43 -13.71 -4.41
CA VAL A 100 -15.04 -13.98 -4.04
C VAL A 100 -14.34 -12.65 -3.87
N LEU A 101 -13.71 -12.46 -2.72
CA LEU A 101 -13.01 -11.21 -2.38
C LEU A 101 -11.52 -11.42 -2.63
N LEU A 102 -11.01 -10.84 -3.72
CA LEU A 102 -9.62 -11.02 -4.11
C LEU A 102 -8.78 -9.82 -3.70
N ILE A 103 -7.50 -10.06 -3.41
CA ILE A 103 -6.55 -8.97 -3.17
C ILE A 103 -5.34 -9.19 -4.04
N ASN A 104 -4.81 -8.10 -4.60
CA ASN A 104 -3.60 -8.16 -5.43
C ASN A 104 -2.41 -7.77 -4.56
N LEU A 105 -1.69 -8.76 -4.08
CA LEU A 105 -0.45 -8.52 -3.35
C LEU A 105 0.78 -8.70 -4.23
N GLY A 106 0.59 -8.81 -5.55
CA GLY A 106 1.68 -8.87 -6.49
C GLY A 106 2.19 -7.48 -6.86
N ASN A 107 3.01 -7.44 -7.91
CA ASN A 107 3.63 -6.18 -8.29
C ASN A 107 3.16 -5.66 -9.64
N LYS A 108 2.16 -6.28 -10.25
CA LYS A 108 1.55 -5.74 -11.47
C LYS A 108 0.03 -5.73 -11.31
N ASP A 109 -0.61 -4.72 -11.91
CA ASP A 109 -2.07 -4.75 -12.03
C ASP A 109 -2.51 -6.01 -12.77
N PHE A 110 -3.65 -6.54 -12.38
CA PHE A 110 -4.17 -7.80 -12.90
C PHE A 110 -5.64 -7.62 -13.27
N ILE A 111 -6.01 -8.04 -14.47
CA ILE A 111 -7.37 -7.89 -14.96
C ILE A 111 -8.12 -9.22 -14.81
N ILE A 112 -9.25 -9.17 -14.12
CA ILE A 112 -10.12 -10.34 -13.95
C ILE A 112 -11.15 -10.34 -15.06
N GLU A 113 -11.18 -11.42 -15.84
CA GLU A 113 -12.08 -11.54 -16.97
C GLU A 113 -13.07 -12.68 -16.69
N LYS A 114 -14.30 -12.53 -17.16
CA LYS A 114 -15.28 -13.59 -17.05
C LYS A 114 -14.66 -14.90 -17.54
N GLY A 115 -14.86 -15.97 -16.79
CA GLY A 115 -14.35 -17.26 -17.18
C GLY A 115 -13.08 -17.67 -16.47
N MET A 116 -12.38 -16.73 -15.85
CA MET A 116 -11.19 -17.08 -15.08
C MET A 116 -11.59 -17.85 -13.82
N ARG A 117 -10.87 -18.93 -13.50
CA ARG A 117 -11.00 -19.58 -12.21
C ARG A 117 -10.35 -18.71 -11.14
N ILE A 118 -11.10 -18.36 -10.11
CA ILE A 118 -10.64 -17.35 -9.16
C ILE A 118 -10.55 -17.87 -7.74
N ALA A 119 -11.07 -19.06 -7.45
CA ALA A 119 -11.10 -19.63 -6.11
C ALA A 119 -11.56 -21.08 -6.24
N GLN A 120 -11.49 -21.81 -5.12
CA GLN A 120 -12.08 -23.14 -5.04
C GLN A 120 -12.98 -23.20 -3.81
N MET A 121 -14.02 -24.01 -3.90
CA MET A 121 -15.05 -24.05 -2.86
C MET A 121 -15.16 -25.48 -2.34
N ILE A 122 -14.90 -25.65 -1.04
CA ILE A 122 -14.86 -26.97 -0.40
C ILE A 122 -16.03 -27.05 0.56
N ILE A 123 -16.84 -28.10 0.44
CA ILE A 123 -17.97 -28.29 1.36
C ILE A 123 -17.55 -29.26 2.45
N ALA A 124 -17.88 -28.93 3.69
CA ALA A 124 -17.48 -29.76 4.82
C ALA A 124 -18.53 -29.60 5.92
N LYS A 125 -18.55 -30.56 6.82
CA LYS A 125 -19.41 -30.47 8.00
C LYS A 125 -18.78 -29.55 9.03
N TYR A 126 -19.64 -28.83 9.76
CA TYR A 126 -19.23 -28.11 10.95
C TYR A 126 -20.07 -28.62 12.11
N GLU A 127 -19.62 -28.30 13.31
CA GLU A 127 -20.30 -28.69 14.54
C GLU A 127 -20.84 -27.45 15.24
N ARG A 128 -22.07 -27.55 15.75
CA ARG A 128 -22.66 -26.44 16.49
C ARG A 128 -22.30 -26.55 17.97
N VAL A 129 -21.61 -25.54 18.50
CA VAL A 129 -21.14 -25.55 19.89
C VAL A 129 -22.24 -25.14 20.86
N LEU A 130 -22.36 -25.88 21.95
CA LEU A 130 -23.07 -25.45 23.14
C LEU A 130 -22.04 -25.13 24.22
N TRP A 131 -21.98 -23.87 24.64
CA TRP A 131 -21.00 -23.51 25.65
C TRP A 131 -21.34 -24.09 27.01
N ALA A 132 -20.31 -24.56 27.71
CA ALA A 132 -20.44 -24.98 29.10
C ALA A 132 -19.49 -24.11 29.91
N GLU A 133 -20.02 -23.13 30.61
CA GLU A 133 -19.16 -22.19 31.31
C GLU A 133 -18.48 -22.87 32.50
N THR A 134 -17.20 -22.57 32.70
CA THR A 134 -16.50 -23.14 33.85
C THR A 134 -15.49 -22.14 34.41
N SER A 135 -15.08 -22.39 35.64
CA SER A 135 -14.12 -21.54 36.34
C SER A 135 -12.70 -22.06 36.26
N ILE A 136 -12.51 -23.33 35.89
CA ILE A 136 -11.20 -23.96 35.83
C ILE A 136 -11.15 -24.83 34.59
N LEU A 137 -10.12 -24.66 33.77
CA LEU A 137 -9.86 -25.53 32.63
C LEU A 137 -8.76 -26.51 33.04
N THR A 138 -9.08 -27.80 33.00
CA THR A 138 -8.27 -28.86 33.61
C THR A 138 -6.79 -28.83 33.22
N MET B 5 -29.33 -30.96 14.09
CA MET B 5 -27.92 -31.13 13.76
C MET B 5 -27.10 -31.53 14.98
N THR B 6 -25.82 -31.82 14.74
CA THR B 6 -24.95 -32.37 15.78
C THR B 6 -24.42 -31.25 16.69
N ILE B 7 -24.71 -31.36 17.99
CA ILE B 7 -24.27 -30.39 19.00
C ILE B 7 -23.05 -30.95 19.72
N ILE B 8 -22.05 -30.09 19.94
CA ILE B 8 -20.90 -30.45 20.75
C ILE B 8 -20.80 -29.47 21.92
N GLU B 9 -20.61 -30.00 23.12
CA GLU B 9 -20.40 -29.18 24.30
C GLU B 9 -18.93 -28.81 24.43
N VAL B 10 -18.65 -27.52 24.61
CA VAL B 10 -17.29 -27.06 24.77
C VAL B 10 -17.21 -26.22 26.03
N LYS B 11 -16.23 -26.52 26.89
CA LYS B 11 -16.04 -25.73 28.09
C LYS B 11 -15.39 -24.40 27.74
N ILE B 12 -15.79 -23.34 28.44
CA ILE B 12 -15.30 -22.00 28.17
C ILE B 12 -15.17 -21.27 29.49
N LYS B 13 -14.05 -20.56 29.65
CA LYS B 13 -13.79 -19.77 30.84
C LYS B 13 -13.77 -18.30 30.49
N LYS B 14 -14.49 -17.50 31.27
CA LYS B 14 -14.42 -16.06 31.12
C LYS B 14 -13.19 -15.54 31.85
N LEU B 15 -12.28 -14.90 31.13
CA LEU B 15 -11.15 -14.27 31.78
C LEU B 15 -11.54 -12.89 32.30
N GLU B 16 -10.59 -12.21 32.93
CA GLU B 16 -10.90 -10.96 33.62
C GLU B 16 -11.35 -9.88 32.65
N ASN B 17 -10.86 -9.90 31.42
CA ASN B 17 -11.21 -8.89 30.45
C ASN B 17 -12.42 -9.25 29.61
N PHE B 18 -13.11 -10.35 29.94
CA PHE B 18 -14.30 -10.67 29.17
CA PHE B 18 -14.33 -10.73 29.24
C PHE B 18 -15.42 -9.72 29.52
N LEU B 19 -16.11 -9.27 28.47
CA LEU B 19 -17.14 -8.26 28.65
C LEU B 19 -18.41 -8.78 27.98
N GLY B 20 -19.20 -9.51 28.76
CA GLY B 20 -20.61 -9.60 28.46
C GLY B 20 -21.12 -10.91 27.95
N ASN B 21 -21.10 -11.05 26.64
CA ASN B 21 -21.81 -12.12 25.94
C ASN B 21 -20.78 -13.13 25.45
N LEU B 22 -21.03 -14.41 25.74
CA LEU B 22 -20.19 -15.46 25.19
C LEU B 22 -20.31 -15.43 23.67
N PRO B 23 -19.36 -16.04 22.94
CA PRO B 23 -19.44 -15.98 21.48
C PRO B 23 -20.76 -16.58 20.99
N GLU B 24 -21.43 -15.89 20.07
CA GLU B 24 -22.73 -16.35 19.63
C GLU B 24 -22.75 -16.58 18.13
N TYR B 25 -23.59 -17.53 17.73
CA TYR B 25 -23.90 -17.72 16.32
C TYR B 25 -24.89 -16.65 15.89
N ALA B 26 -24.60 -15.98 14.78
CA ALA B 26 -25.47 -14.88 14.33
C ALA B 26 -26.86 -15.40 13.98
N THR B 27 -26.96 -16.63 13.48
CA THR B 27 -28.23 -17.26 13.15
C THR B 27 -28.16 -18.71 13.59
N GLU B 28 -29.32 -19.38 13.58
CA GLU B 28 -29.38 -20.78 13.97
C GLU B 28 -28.68 -21.71 12.98
N HIS B 29 -28.31 -21.23 11.80
CA HIS B 29 -27.62 -22.08 10.82
C HIS B 29 -26.28 -21.50 10.40
N SER B 30 -25.72 -20.58 11.19
CA SER B 30 -24.39 -20.05 10.93
C SER B 30 -23.33 -21.07 11.28
N ALA B 31 -22.28 -21.13 10.46
CA ALA B 31 -21.19 -22.07 10.73
C ALA B 31 -20.31 -21.63 11.89
N GLY B 32 -20.20 -20.33 12.13
CA GLY B 32 -19.24 -19.83 13.09
C GLY B 32 -19.88 -18.86 14.08
N MET B 33 -19.21 -18.72 15.21
CA MET B 33 -19.56 -17.72 16.23
C MET B 33 -18.69 -16.47 16.08
N ASP B 34 -19.27 -15.31 16.40
CA ASP B 34 -18.51 -14.08 16.28
C ASP B 34 -17.59 -13.91 17.49
N LEU B 35 -16.33 -13.62 17.24
CA LEU B 35 -15.39 -13.28 18.30
C LEU B 35 -15.27 -11.77 18.40
N VAL B 36 -15.23 -11.26 19.62
CA VAL B 36 -15.29 -9.84 19.88
C VAL B 36 -14.02 -9.39 20.56
N ALA B 37 -13.54 -8.19 20.22
CA ALA B 37 -12.33 -7.66 20.85
C ALA B 37 -12.54 -7.38 22.34
N ALA B 38 -11.57 -7.78 23.15
CA ALA B 38 -11.60 -7.56 24.59
C ALA B 38 -10.32 -6.89 25.06
N ASN B 39 -9.80 -5.93 24.29
CA ASN B 39 -8.60 -5.20 24.63
C ASN B 39 -8.98 -4.02 25.51
N GLU B 40 -8.30 -3.88 26.65
CA GLU B 40 -8.64 -2.82 27.58
C GLU B 40 -8.01 -1.48 27.24
N GLN B 41 -7.11 -1.44 26.26
CA GLN B 41 -6.63 -0.20 25.69
C GLN B 41 -6.92 -0.27 24.21
N SER B 42 -7.28 0.86 23.60
CA SER B 42 -7.47 0.89 22.15
C SER B 42 -6.18 0.43 21.48
N ILE B 43 -6.35 -0.31 20.39
CA ILE B 43 -5.25 -0.81 19.59
C ILE B 43 -5.40 -0.24 18.19
N THR B 44 -4.41 0.55 17.76
CA THR B 44 -4.40 1.06 16.40
C THR B 44 -3.60 0.07 15.56
N ILE B 45 -4.19 -0.38 14.45
CA ILE B 45 -3.46 -1.18 13.48
C ILE B 45 -3.14 -0.25 12.31
N LYS B 46 -1.87 0.12 12.20
CA LYS B 46 -1.48 0.96 11.08
C LYS B 46 -1.54 0.14 9.80
N VAL B 47 -1.61 0.86 8.67
CA VAL B 47 -1.63 0.22 7.36
C VAL B 47 -0.40 -0.67 7.23
N GLY B 48 -0.62 -1.91 6.82
CA GLY B 48 0.44 -2.89 6.67
C GLY B 48 0.89 -3.55 7.95
N SER B 49 0.36 -3.16 9.11
CA SER B 49 0.81 -3.69 10.38
C SER B 49 -0.02 -4.88 10.81
N ILE B 50 0.53 -5.61 11.77
CA ILE B 50 -0.09 -6.81 12.31
C ILE B 50 -0.20 -6.62 13.82
N GLN B 51 -1.39 -6.91 14.38
CA GLN B 51 -1.62 -6.74 15.82
C GLN B 51 -2.38 -7.93 16.35
N LEU B 52 -1.99 -8.41 17.53
CA LEU B 52 -2.70 -9.47 18.22
C LEU B 52 -3.77 -8.86 19.12
N ILE B 53 -5.02 -9.29 18.97
CA ILE B 53 -6.16 -8.75 19.71
C ILE B 53 -6.67 -9.85 20.67
N PRO B 54 -6.74 -9.58 21.98
CA PRO B 54 -7.28 -10.59 22.90
C PRO B 54 -8.80 -10.61 22.87
N THR B 55 -9.37 -11.78 23.23
CA THR B 55 -10.82 -11.96 23.23
C THR B 55 -11.41 -12.18 24.62
N GLY B 56 -10.57 -12.40 25.63
CA GLY B 56 -11.09 -12.56 26.99
C GLY B 56 -11.76 -13.90 27.28
N ILE B 57 -11.57 -14.91 26.42
CA ILE B 57 -12.09 -16.25 26.67
C ILE B 57 -10.98 -17.26 26.45
N ALA B 58 -11.10 -18.37 27.16
CA ALA B 58 -10.29 -19.55 26.92
C ALA B 58 -11.22 -20.75 26.87
N ILE B 59 -10.91 -21.72 26.01
CA ILE B 59 -11.81 -22.85 25.81
C ILE B 59 -11.05 -24.16 25.94
N ALA B 60 -11.82 -25.23 26.18
CA ALA B 60 -11.31 -26.59 26.30
C ALA B 60 -12.06 -27.47 25.29
N LEU B 61 -11.48 -27.64 24.11
CA LEU B 61 -12.11 -28.44 23.07
C LEU B 61 -12.00 -29.93 23.38
N PRO B 62 -13.00 -30.72 23.06
CA PRO B 62 -12.86 -32.17 23.17
C PRO B 62 -11.92 -32.69 22.09
N GLU B 63 -11.40 -33.90 22.34
CA GLU B 63 -10.47 -34.51 21.40
C GLU B 63 -11.09 -34.62 20.02
N SER B 64 -10.26 -34.38 19.01
CA SER B 64 -10.52 -34.43 17.57
C SER B 64 -11.34 -33.25 17.06
N PHE B 65 -11.60 -32.24 17.89
CA PHE B 65 -12.29 -31.03 17.45
C PHE B 65 -11.34 -29.85 17.48
N GLU B 66 -11.45 -28.99 16.47
CA GLU B 66 -10.66 -27.78 16.41
C GLU B 66 -11.60 -26.58 16.30
N ALA B 67 -11.12 -25.42 16.69
CA ALA B 67 -11.81 -24.17 16.39
C ALA B 67 -10.96 -23.39 15.41
N GLN B 68 -11.55 -22.99 14.29
CA GLN B 68 -10.86 -22.24 13.25
C GLN B 68 -11.21 -20.77 13.37
N ILE B 69 -10.19 -19.93 13.48
CA ILE B 69 -10.37 -18.48 13.54
C ILE B 69 -10.27 -17.94 12.12
N ARG B 70 -11.39 -17.46 11.58
CA ARG B 70 -11.48 -17.05 10.19
C ARG B 70 -11.87 -15.58 10.10
N PRO B 71 -11.65 -14.94 8.96
CA PRO B 71 -12.05 -13.53 8.84
C PRO B 71 -13.57 -13.33 8.76
N ARG B 72 -14.02 -12.17 9.26
CA ARG B 72 -15.34 -11.67 8.94
C ARG B 72 -15.27 -10.91 7.62
N SER B 73 -16.21 -11.20 6.71
CA SER B 73 -16.10 -10.57 5.39
C SER B 73 -16.30 -9.07 5.44
N GLY B 74 -17.12 -8.56 6.37
CA GLY B 74 -17.35 -7.13 6.44
C GLY B 74 -16.09 -6.32 6.70
N LEU B 75 -15.28 -6.74 7.69
CA LEU B 75 -14.03 -6.04 8.00
C LEU B 75 -13.07 -6.03 6.81
N ALA B 76 -13.02 -7.14 6.09
CA ALA B 76 -12.12 -7.24 4.93
C ALA B 76 -12.58 -6.33 3.82
N VAL B 77 -13.89 -6.40 3.49
CA VAL B 77 -14.47 -5.61 2.40
C VAL B 77 -14.35 -4.12 2.68
N LYS B 78 -14.71 -3.70 3.89
CA LYS B 78 -14.81 -2.28 4.20
C LYS B 78 -13.49 -1.66 4.62
N HIS B 79 -12.58 -2.44 5.20
CA HIS B 79 -11.39 -1.86 5.80
C HIS B 79 -10.12 -2.56 5.42
N GLY B 80 -10.18 -3.63 4.63
CA GLY B 80 -9.00 -4.39 4.30
C GLY B 80 -8.38 -5.09 5.50
N ILE B 81 -9.13 -5.25 6.58
CA ILE B 81 -8.64 -5.90 7.79
C ILE B 81 -8.95 -7.39 7.65
N THR B 82 -7.95 -8.23 7.83
CA THR B 82 -8.20 -9.66 7.78
C THR B 82 -7.30 -10.35 8.81
N VAL B 83 -7.39 -11.67 8.85
CA VAL B 83 -6.72 -12.46 9.87
C VAL B 83 -5.40 -12.92 9.26
N ALA B 84 -4.28 -12.51 9.86
CA ALA B 84 -2.96 -12.67 9.25
C ALA B 84 -2.49 -14.13 9.24
N ASN B 85 -2.96 -14.94 10.18
CA ASN B 85 -2.57 -16.34 10.28
C ASN B 85 -3.74 -17.25 9.95
N SER B 86 -4.64 -16.75 9.10
CA SER B 86 -5.90 -17.43 8.85
C SER B 86 -5.68 -18.70 8.04
N PRO B 87 -6.43 -19.77 8.34
CA PRO B 87 -7.30 -19.91 9.51
C PRO B 87 -6.48 -20.18 10.75
N GLY B 88 -6.69 -19.41 11.83
CA GLY B 88 -6.04 -19.73 13.09
C GLY B 88 -6.57 -21.05 13.64
N THR B 89 -5.66 -21.85 14.20
CA THR B 89 -5.99 -23.21 14.62
C THR B 89 -5.97 -23.30 16.15
N ILE B 90 -7.13 -23.53 16.76
CA ILE B 90 -7.25 -23.82 18.19
C ILE B 90 -7.59 -25.30 18.33
N ASP B 91 -6.81 -26.03 19.10
CA ASP B 91 -7.13 -27.44 19.35
C ASP B 91 -7.24 -27.70 20.84
N ALA B 92 -7.44 -28.98 21.21
CA ALA B 92 -7.63 -29.37 22.60
C ALA B 92 -6.44 -29.04 23.48
N ASP B 93 -5.26 -28.91 22.90
CA ASP B 93 -4.09 -28.62 23.70
C ASP B 93 -3.97 -27.14 24.07
N TYR B 94 -4.80 -26.25 23.52
CA TYR B 94 -4.68 -24.82 23.82
C TYR B 94 -5.80 -24.35 24.71
N ARG B 95 -5.46 -24.07 25.97
CA ARG B 95 -6.43 -23.60 26.94
C ARG B 95 -6.09 -22.20 27.43
N GLY B 96 -5.25 -21.48 26.68
CA GLY B 96 -5.00 -20.09 26.98
C GLY B 96 -6.03 -19.17 26.35
N GLU B 97 -5.83 -17.88 26.54
CA GLU B 97 -6.74 -16.89 25.96
C GLU B 97 -6.69 -16.96 24.45
N ILE B 98 -7.86 -16.99 23.83
CA ILE B 98 -7.95 -16.95 22.37
C ILE B 98 -7.60 -15.55 21.90
N LYS B 99 -6.67 -15.46 20.96
CA LYS B 99 -6.23 -14.19 20.43
C LYS B 99 -6.40 -14.21 18.92
N VAL B 100 -6.73 -13.05 18.36
CA VAL B 100 -6.95 -12.92 16.92
C VAL B 100 -5.83 -12.08 16.34
N LEU B 101 -5.12 -12.63 15.36
CA LEU B 101 -4.02 -11.89 14.72
C LEU B 101 -4.56 -11.16 13.49
N LEU B 102 -4.71 -9.84 13.59
CA LEU B 102 -5.23 -9.04 12.49
C LEU B 102 -4.11 -8.33 11.75
N ILE B 103 -4.27 -8.22 10.43
CA ILE B 103 -3.41 -7.40 9.60
C ILE B 103 -4.29 -6.38 8.88
N ASN B 104 -3.74 -5.17 8.68
CA ASN B 104 -4.42 -4.07 8.00
C ASN B 104 -3.86 -3.98 6.58
N LEU B 105 -4.60 -4.56 5.62
CA LEU B 105 -4.24 -4.48 4.20
C LEU B 105 -5.21 -3.55 3.46
N GLY B 106 -5.77 -2.58 4.21
CA GLY B 106 -6.58 -1.52 3.66
C GLY B 106 -5.75 -0.26 3.45
N ASN B 107 -6.44 0.84 3.26
CA ASN B 107 -5.75 2.06 2.88
C ASN B 107 -5.76 3.15 3.95
N LYS B 108 -6.16 2.83 5.18
CA LYS B 108 -6.02 3.80 6.26
C LYS B 108 -5.94 3.06 7.59
N ASP B 109 -5.42 3.75 8.61
CA ASP B 109 -5.23 3.14 9.91
C ASP B 109 -6.59 2.76 10.51
N PHE B 110 -6.60 1.72 11.32
CA PHE B 110 -7.87 1.21 11.85
C PHE B 110 -7.74 0.94 13.35
N ILE B 111 -8.66 1.47 14.14
CA ILE B 111 -8.58 1.33 15.59
C ILE B 111 -9.50 0.19 16.02
N ILE B 112 -8.94 -0.77 16.74
CA ILE B 112 -9.72 -1.83 17.34
C ILE B 112 -10.14 -1.35 18.73
N GLU B 113 -11.45 -1.29 18.98
CA GLU B 113 -11.99 -0.92 20.28
C GLU B 113 -12.69 -2.14 20.86
N LYS B 114 -12.68 -2.25 22.19
CA LYS B 114 -13.32 -3.41 22.80
C LYS B 114 -14.80 -3.46 22.42
N GLY B 115 -15.29 -4.67 22.11
CA GLY B 115 -16.64 -4.86 21.68
C GLY B 115 -16.81 -5.00 20.18
N MET B 116 -15.79 -4.65 19.40
CA MET B 116 -15.87 -4.81 17.96
C MET B 116 -15.77 -6.29 17.59
N ARG B 117 -16.57 -6.70 16.62
CA ARG B 117 -16.47 -8.05 16.11
C ARG B 117 -15.24 -8.13 15.19
N ILE B 118 -14.35 -9.09 15.44
CA ILE B 118 -13.04 -9.11 14.79
C ILE B 118 -12.75 -10.39 14.01
N ALA B 119 -13.52 -11.46 14.21
CA ALA B 119 -13.27 -12.74 13.54
C ALA B 119 -14.49 -13.61 13.76
N GLN B 120 -14.52 -14.77 13.11
CA GLN B 120 -15.54 -15.76 13.41
C GLN B 120 -14.84 -17.08 13.71
N MET B 121 -15.50 -17.91 14.51
CA MET B 121 -14.89 -19.12 15.03
C MET B 121 -15.76 -20.31 14.66
N ILE B 122 -15.22 -21.21 13.83
CA ILE B 122 -15.95 -22.38 13.32
C ILE B 122 -15.35 -23.62 13.95
N ILE B 123 -16.17 -24.42 14.62
CA ILE B 123 -15.69 -25.67 15.21
C ILE B 123 -15.94 -26.81 14.22
N ALA B 124 -14.93 -27.62 13.99
CA ALA B 124 -15.06 -28.74 13.06
C ALA B 124 -14.15 -29.85 13.55
N LYS B 125 -14.39 -31.06 13.01
CA LYS B 125 -13.57 -32.22 13.32
C LYS B 125 -12.33 -32.28 12.41
N TYR B 126 -11.23 -32.77 12.97
CA TYR B 126 -10.07 -33.09 12.16
C TYR B 126 -9.68 -34.54 12.44
N GLU B 127 -8.80 -35.06 11.60
CA GLU B 127 -8.35 -36.45 11.66
C GLU B 127 -6.90 -36.48 12.11
N ARG B 128 -6.54 -37.50 12.89
CA ARG B 128 -5.16 -37.71 13.26
C ARG B 128 -4.54 -38.70 12.28
N VAL B 129 -3.42 -38.31 11.68
CA VAL B 129 -2.76 -39.10 10.66
C VAL B 129 -1.73 -40.00 11.30
N LEU B 130 -1.70 -41.26 10.86
CA LEU B 130 -0.55 -42.14 11.03
C LEU B 130 0.04 -42.36 9.65
N TRP B 131 1.36 -42.23 9.55
CA TRP B 131 2.06 -42.29 8.28
C TRP B 131 2.41 -43.73 7.90
N ALA B 132 2.09 -44.10 6.68
CA ALA B 132 2.53 -45.36 6.09
C ALA B 132 3.60 -44.98 5.06
N GLU B 133 4.85 -45.00 5.49
CA GLU B 133 5.95 -44.65 4.60
C GLU B 133 6.05 -45.67 3.48
N THR B 134 6.06 -45.19 2.24
CA THR B 134 6.15 -46.08 1.09
C THR B 134 7.09 -45.49 0.05
N SER B 135 7.57 -46.34 -0.86
CA SER B 135 8.45 -45.88 -1.92
C SER B 135 7.72 -45.60 -3.22
N ILE B 136 6.50 -46.12 -3.39
CA ILE B 136 5.76 -45.96 -4.63
C ILE B 136 4.34 -45.55 -4.28
N LEU B 137 3.91 -44.40 -4.76
CA LEU B 137 2.53 -43.98 -4.62
C LEU B 137 1.80 -44.30 -5.92
N THR B 138 0.48 -44.48 -5.80
CA THR B 138 -0.34 -44.73 -6.97
C THR B 138 -0.28 -43.53 -7.93
N GLU B 139 -0.49 -43.79 -9.22
CA GLU B 139 -0.62 -42.72 -10.20
C GLU B 139 -2.08 -42.30 -10.28
N THR B 140 -2.31 -41.02 -10.56
CA THR B 140 -3.68 -40.47 -10.68
C THR B 140 -3.77 -39.59 -11.93
N MET B 141 -4.98 -39.09 -12.19
CA MET B 141 -5.21 -38.21 -13.35
C MET B 141 -4.74 -36.79 -13.14
N ARG B 142 -4.54 -36.36 -11.89
CA ARG B 142 -4.26 -34.95 -11.63
C ARG B 142 -2.90 -34.56 -12.19
N GLY B 143 -2.88 -33.47 -12.96
CA GLY B 143 -1.68 -32.96 -13.60
C GLY B 143 -1.09 -33.84 -14.70
N ARG B 144 -1.79 -34.88 -15.12
CA ARG B 144 -1.21 -35.85 -16.04
C ARG B 144 -1.02 -35.24 -17.42
N GLY B 145 0.18 -35.36 -17.97
CA GLY B 145 0.48 -34.77 -19.27
C GLY B 145 0.78 -33.29 -19.25
N GLY B 146 0.87 -32.67 -18.08
CA GLY B 146 1.19 -31.27 -18.01
C GLY B 146 2.65 -31.00 -18.32
N PHE B 147 2.94 -29.75 -18.69
CA PHE B 147 4.33 -29.44 -18.99
C PHE B 147 5.19 -29.62 -17.75
N GLY B 148 6.35 -30.24 -17.93
CA GLY B 148 7.32 -30.42 -16.88
C GLY B 148 7.04 -31.56 -15.93
N SER B 149 5.98 -32.33 -16.15
CA SER B 149 5.57 -33.36 -15.20
CA SER B 149 5.57 -33.36 -15.20
C SER B 149 6.41 -34.63 -15.37
N THR B 150 6.89 -35.16 -14.24
CA THR B 150 7.55 -36.46 -14.22
C THR B 150 6.83 -37.36 -13.21
N THR C 6 18.91 17.18 16.70
CA THR C 6 18.18 18.08 17.59
C THR C 6 16.79 18.44 17.05
N ILE C 7 15.75 18.12 17.84
CA ILE C 7 14.38 18.39 17.46
C ILE C 7 14.07 19.88 17.65
N ILE C 8 13.26 20.42 16.76
CA ILE C 8 12.80 21.80 16.86
C ILE C 8 11.35 21.77 17.35
N GLU C 9 11.08 22.43 18.47
CA GLU C 9 9.73 22.51 19.01
C GLU C 9 8.90 23.49 18.19
N VAL C 10 7.66 23.11 17.90
CA VAL C 10 6.76 23.91 17.07
C VAL C 10 5.40 23.91 17.73
N LYS C 11 4.84 25.09 17.95
CA LYS C 11 3.50 25.18 18.50
C LYS C 11 2.48 24.71 17.47
N ILE C 12 1.50 23.96 17.93
CA ILE C 12 0.43 23.47 17.06
C ILE C 12 -0.88 23.58 17.82
N LYS C 13 -1.93 23.97 17.12
CA LYS C 13 -3.26 24.15 17.70
C LYS C 13 -4.22 23.20 17.03
N LYS C 14 -4.96 22.42 17.83
CA LYS C 14 -6.00 21.56 17.30
C LYS C 14 -7.23 22.42 17.07
N LEU C 15 -7.63 22.55 15.81
CA LEU C 15 -8.74 23.44 15.53
C LEU C 15 -10.05 22.76 15.88
N GLU C 16 -11.12 23.56 15.80
CA GLU C 16 -12.44 23.07 16.17
C GLU C 16 -12.77 21.76 15.44
N ASN C 17 -12.25 21.56 14.24
CA ASN C 17 -12.57 20.40 13.41
C ASN C 17 -11.53 19.28 13.51
N PHE C 18 -10.59 19.39 14.43
CA PHE C 18 -9.53 18.38 14.52
C PHE C 18 -10.06 17.06 15.05
N LEU C 19 -9.53 15.96 14.50
CA LEU C 19 -9.75 14.64 15.06
C LEU C 19 -8.44 13.87 14.93
N GLY C 20 -8.34 12.76 15.64
CA GLY C 20 -7.17 11.90 15.55
C GLY C 20 -5.94 12.40 16.29
N ASN C 21 -4.76 12.26 15.70
CA ASN C 21 -3.53 12.66 16.34
C ASN C 21 -2.90 13.82 15.59
N LEU C 22 -1.97 14.48 16.28
CA LEU C 22 -1.09 15.43 15.63
C LEU C 22 -0.29 14.70 14.55
N PRO C 23 0.11 15.41 13.50
CA PRO C 23 0.90 14.78 12.42
C PRO C 23 2.10 14.01 12.97
N GLU C 24 2.24 12.75 12.55
CA GLU C 24 3.28 11.85 13.06
C GLU C 24 4.28 11.50 11.97
N TYR C 25 5.55 11.46 12.34
CA TYR C 25 6.56 10.82 11.48
C TYR C 25 6.35 9.31 11.47
N ALA C 26 6.32 8.74 10.26
CA ALA C 26 6.10 7.30 10.15
C ALA C 26 7.22 6.52 10.85
N THR C 27 8.44 7.05 10.80
CA THR C 27 9.58 6.45 11.49
C THR C 27 10.43 7.58 12.08
N GLU C 28 11.34 7.16 12.96
CA GLU C 28 12.27 8.10 13.61
C GLU C 28 13.17 8.81 12.61
N HIS C 29 13.27 8.32 11.38
CA HIS C 29 14.20 8.90 10.40
C HIS C 29 13.47 9.43 9.17
N SER C 30 12.15 9.58 9.24
CA SER C 30 11.42 10.08 8.10
C SER C 30 11.57 11.58 7.99
N ALA C 31 11.60 12.06 6.75
CA ALA C 31 11.76 13.50 6.51
C ALA C 31 10.49 14.27 6.79
N GLY C 32 9.33 13.65 6.60
CA GLY C 32 8.07 14.36 6.73
C GLY C 32 7.11 13.64 7.66
N MET C 33 6.14 14.42 8.17
CA MET C 33 5.02 13.87 8.93
C MET C 33 3.85 13.56 8.00
N ASP C 34 3.08 12.53 8.35
CA ASP C 34 1.92 12.18 7.54
C ASP C 34 0.79 13.15 7.84
N LEU C 35 0.23 13.77 6.81
CA LEU C 35 -0.95 14.62 6.98
C LEU C 35 -2.20 13.80 6.72
N VAL C 36 -3.14 13.84 7.65
CA VAL C 36 -4.34 13.01 7.63
C VAL C 36 -5.57 13.87 7.33
N ALA C 37 -6.43 13.40 6.41
CA ALA C 37 -7.68 14.10 6.10
C ALA C 37 -8.56 14.23 7.33
N ALA C 38 -9.09 15.43 7.53
CA ALA C 38 -9.94 15.69 8.69
C ALA C 38 -11.33 16.15 8.26
N ASN C 39 -11.75 15.85 7.03
CA ASN C 39 -13.10 16.18 6.62
C ASN C 39 -14.11 15.27 7.32
N GLU C 40 -15.09 15.87 8.01
CA GLU C 40 -16.09 15.05 8.70
C GLU C 40 -16.94 14.27 7.70
N GLN C 41 -17.28 14.88 6.56
CA GLN C 41 -18.01 14.16 5.53
C GLN C 41 -17.07 13.78 4.39
N SER C 42 -17.32 12.62 3.78
CA SER C 42 -16.48 12.17 2.68
C SER C 42 -16.51 13.19 1.54
N ILE C 43 -15.37 13.36 0.89
CA ILE C 43 -15.23 14.28 -0.24
C ILE C 43 -14.92 13.43 -1.46
N THR C 44 -15.77 13.49 -2.47
CA THR C 44 -15.47 12.85 -3.74
C THR C 44 -14.64 13.79 -4.60
N ILE C 45 -13.54 13.28 -5.15
CA ILE C 45 -12.77 14.02 -6.15
C ILE C 45 -13.02 13.33 -7.48
N LYS C 46 -13.77 13.99 -8.37
CA LYS C 46 -14.02 13.44 -9.68
C LYS C 46 -12.76 13.51 -10.53
N VAL C 47 -12.73 12.69 -11.58
CA VAL C 47 -11.63 12.70 -12.54
C VAL C 47 -11.38 14.12 -13.04
N GLY C 48 -10.13 14.56 -12.97
CA GLY C 48 -9.74 15.86 -13.44
C GLY C 48 -9.97 16.99 -12.46
N SER C 49 -10.65 16.73 -11.34
CA SER C 49 -11.07 17.75 -10.40
C SER C 49 -10.04 18.00 -9.31
N ILE C 50 -10.15 19.19 -8.71
CA ILE C 50 -9.38 19.61 -7.56
C ILE C 50 -10.32 19.74 -6.37
N GLN C 51 -9.87 19.27 -5.20
CA GLN C 51 -10.62 19.40 -3.95
C GLN C 51 -9.67 19.80 -2.84
N LEU C 52 -10.15 20.72 -1.99
CA LEU C 52 -9.45 21.15 -0.80
C LEU C 52 -9.83 20.25 0.38
N ILE C 53 -8.83 19.73 1.09
CA ILE C 53 -9.06 18.81 2.20
C ILE C 53 -8.52 19.47 3.45
N PRO C 54 -9.31 19.56 4.52
CA PRO C 54 -8.82 20.16 5.75
C PRO C 54 -8.04 19.15 6.58
N THR C 55 -7.15 19.69 7.41
CA THR C 55 -6.39 18.86 8.35
C THR C 55 -6.73 19.10 9.82
N GLY C 56 -7.44 20.18 10.13
CA GLY C 56 -7.79 20.44 11.50
C GLY C 56 -6.65 20.93 12.37
N ILE C 57 -5.53 21.37 11.79
CA ILE C 57 -4.42 21.90 12.58
C ILE C 57 -4.00 23.26 12.06
N ALA C 58 -3.46 24.08 12.97
CA ALA C 58 -2.74 25.30 12.63
C ALA C 58 -1.43 25.28 13.38
N ILE C 59 -0.40 25.89 12.81
CA ILE C 59 0.93 25.79 13.38
C ILE C 59 1.61 27.15 13.36
N ALA C 60 2.65 27.27 14.19
CA ALA C 60 3.44 28.49 14.28
C ALA C 60 4.90 28.08 14.14
N LEU C 61 5.40 28.09 12.92
CA LEU C 61 6.78 27.67 12.66
C LEU C 61 7.76 28.71 13.21
N PRO C 62 8.90 28.28 13.72
CA PRO C 62 9.95 29.24 14.09
C PRO C 62 10.36 30.06 12.89
N GLU C 63 10.84 31.26 13.19
CA GLU C 63 11.43 32.10 12.16
C GLU C 63 12.58 31.35 11.49
N SER C 64 12.63 31.46 10.17
CA SER C 64 13.59 30.86 9.24
C SER C 64 13.20 29.44 8.84
N PHE C 65 12.09 28.90 9.33
CA PHE C 65 11.61 27.60 8.89
C PHE C 65 10.41 27.79 7.98
N GLU C 66 10.17 26.77 7.16
CA GLU C 66 8.99 26.64 6.34
C GLU C 66 8.52 25.20 6.46
N ALA C 67 7.27 24.94 6.09
CA ALA C 67 6.84 23.56 5.90
C ALA C 67 6.45 23.36 4.46
N GLN C 68 6.71 22.16 3.93
CA GLN C 68 6.38 21.81 2.56
C GLN C 68 5.32 20.72 2.54
N ILE C 69 4.22 20.97 1.83
CA ILE C 69 3.18 19.96 1.63
C ILE C 69 3.51 19.19 0.36
N ARG C 70 3.92 17.94 0.51
CA ARG C 70 4.33 17.11 -0.63
C ARG C 70 3.40 15.93 -0.84
N PRO C 71 3.39 15.34 -2.04
CA PRO C 71 2.55 14.15 -2.28
C PRO C 71 3.09 12.91 -1.61
N ARG C 72 2.19 11.94 -1.44
CA ARG C 72 2.56 10.58 -1.05
C ARG C 72 2.59 9.69 -2.29
N SER C 73 3.56 8.79 -2.32
CA SER C 73 3.73 7.94 -3.51
C SER C 73 2.53 7.01 -3.74
N GLY C 74 1.99 6.42 -2.66
CA GLY C 74 0.96 5.41 -2.84
C GLY C 74 -0.31 5.97 -3.46
N LEU C 75 -0.75 7.12 -2.96
CA LEU C 75 -1.96 7.75 -3.47
C LEU C 75 -1.82 8.10 -4.94
N ALA C 76 -0.62 8.50 -5.36
CA ALA C 76 -0.38 8.84 -6.75
C ALA C 76 -0.41 7.61 -7.65
N VAL C 77 0.27 6.52 -7.25
CA VAL C 77 0.24 5.31 -8.07
C VAL C 77 -1.17 4.68 -8.10
N LYS C 78 -1.79 4.55 -6.94
CA LYS C 78 -3.04 3.80 -6.91
C LYS C 78 -4.18 4.56 -7.58
N HIS C 79 -4.15 5.89 -7.52
CA HIS C 79 -5.34 6.65 -7.90
C HIS C 79 -5.02 7.86 -8.77
N GLY C 80 -3.76 8.13 -9.05
CA GLY C 80 -3.41 9.32 -9.79
C GLY C 80 -3.73 10.60 -9.07
N ILE C 81 -3.84 10.55 -7.74
CA ILE C 81 -4.14 11.73 -6.95
C ILE C 81 -2.82 12.28 -6.44
N THR C 82 -2.61 13.58 -6.61
CA THR C 82 -1.41 14.22 -6.11
C THR C 82 -1.79 15.60 -5.58
N VAL C 83 -0.79 16.33 -5.11
CA VAL C 83 -0.99 17.64 -4.51
C VAL C 83 -0.95 18.65 -5.66
N ALA C 84 -2.04 19.40 -5.86
CA ALA C 84 -2.17 20.18 -7.07
C ALA C 84 -1.21 21.36 -7.09
N ASN C 85 -0.90 21.92 -5.92
CA ASN C 85 0.03 23.04 -5.81
C ASN C 85 1.37 22.60 -5.26
N SER C 86 1.78 21.37 -5.54
CA SER C 86 2.93 20.81 -4.85
C SER C 86 4.23 21.46 -5.33
N PRO C 87 5.19 21.68 -4.45
CA PRO C 87 5.08 21.48 -3.01
C PRO C 87 4.40 22.70 -2.39
N GLY C 88 3.36 22.51 -1.60
CA GLY C 88 2.71 23.66 -0.98
C GLY C 88 3.61 24.28 0.06
N THR C 89 3.66 25.62 0.08
CA THR C 89 4.56 26.33 0.97
C THR C 89 3.78 26.82 2.19
N ILE C 90 4.18 26.39 3.39
CA ILE C 90 3.59 26.91 4.62
C ILE C 90 4.57 27.91 5.20
N ASP C 91 4.19 29.19 5.22
CA ASP C 91 5.05 30.24 5.74
C ASP C 91 5.01 30.27 7.27
N ALA C 92 6.11 30.72 7.86
CA ALA C 92 6.27 30.78 9.30
C ALA C 92 5.25 31.72 9.95
N ASP C 93 4.74 32.71 9.23
CA ASP C 93 3.69 33.54 9.82
C ASP C 93 2.27 33.11 9.45
N TYR C 94 2.09 31.93 8.87
CA TYR C 94 0.74 31.47 8.58
C TYR C 94 0.08 30.93 9.85
N ARG C 95 -1.15 31.37 10.11
CA ARG C 95 -1.85 30.95 11.31
C ARG C 95 -3.21 30.35 11.00
N GLY C 96 -3.53 30.16 9.71
CA GLY C 96 -4.75 29.50 9.32
C GLY C 96 -4.61 27.99 9.40
N GLU C 97 -5.66 27.30 8.99
CA GLU C 97 -5.65 25.84 8.95
C GLU C 97 -4.77 25.36 7.82
N ILE C 98 -3.94 24.37 8.10
CA ILE C 98 -3.17 23.77 7.02
CA ILE C 98 -3.16 23.74 7.04
C ILE C 98 -4.13 23.02 6.10
N LYS C 99 -4.08 23.36 4.81
CA LYS C 99 -5.00 22.79 3.84
C LYS C 99 -4.21 22.02 2.79
N VAL C 100 -4.77 20.92 2.33
CA VAL C 100 -4.15 20.09 1.29
C VAL C 100 -5.04 20.15 0.05
N LEU C 101 -4.48 20.65 -1.04
CA LEU C 101 -5.18 20.76 -2.31
C LEU C 101 -4.84 19.54 -3.16
N LEU C 102 -5.81 18.64 -3.34
CA LEU C 102 -5.59 17.41 -4.10
C LEU C 102 -6.18 17.54 -5.50
N ILE C 103 -5.50 16.94 -6.48
CA ILE C 103 -6.05 16.85 -7.81
C ILE C 103 -6.08 15.40 -8.23
N ASN C 104 -7.18 14.99 -8.88
CA ASN C 104 -7.36 13.63 -9.38
C ASN C 104 -6.94 13.59 -10.85
N LEU C 105 -5.70 13.16 -11.10
CA LEU C 105 -5.21 12.96 -12.45
C LEU C 105 -5.31 11.49 -12.87
N GLY C 106 -6.11 10.70 -12.17
CA GLY C 106 -6.33 9.31 -12.50
C GLY C 106 -7.55 9.13 -13.37
N ASN C 107 -8.03 7.89 -13.45
CA ASN C 107 -9.09 7.58 -14.40
C ASN C 107 -10.41 7.18 -13.74
N LYS C 108 -10.50 7.27 -12.40
CA LYS C 108 -11.75 6.97 -11.71
C LYS C 108 -11.95 7.99 -10.61
N ASP C 109 -13.23 8.30 -10.32
CA ASP C 109 -13.52 9.09 -9.13
C ASP C 109 -12.95 8.41 -7.90
N PHE C 110 -12.50 9.21 -6.93
CA PHE C 110 -11.96 8.70 -5.68
C PHE C 110 -12.53 9.49 -4.50
N ILE C 111 -12.86 8.77 -3.43
CA ILE C 111 -13.46 9.38 -2.25
C ILE C 111 -12.41 9.53 -1.17
N ILE C 112 -12.18 10.76 -0.74
CA ILE C 112 -11.29 11.03 0.39
C ILE C 112 -12.12 10.90 1.67
N GLU C 113 -11.70 10.02 2.57
CA GLU C 113 -12.37 9.80 3.84
C GLU C 113 -11.49 10.30 4.98
N LYS C 114 -12.13 10.80 6.05
CA LYS C 114 -11.38 11.14 7.26
C LYS C 114 -10.47 9.98 7.65
N GLY C 115 -9.23 10.30 7.99
CA GLY C 115 -8.29 9.32 8.46
C GLY C 115 -7.32 8.83 7.38
N MET C 116 -7.63 9.07 6.11
CA MET C 116 -6.66 8.75 5.06
C MET C 116 -5.44 9.67 5.13
N ARG C 117 -4.26 9.11 4.90
CA ARG C 117 -3.08 9.94 4.74
C ARG C 117 -3.08 10.52 3.33
N ILE C 118 -3.04 11.85 3.21
CA ILE C 118 -3.23 12.51 1.93
C ILE C 118 -2.02 13.32 1.48
N ALA C 119 -1.01 13.50 2.32
CA ALA C 119 0.18 14.27 1.96
C ALA C 119 1.23 14.00 3.02
N GLN C 120 2.43 14.54 2.80
CA GLN C 120 3.42 14.57 3.86
C GLN C 120 3.93 16.00 4.01
N MET C 121 4.34 16.33 5.23
CA MET C 121 4.73 17.69 5.59
C MET C 121 6.17 17.68 6.08
N ILE C 122 7.06 18.34 5.35
CA ILE C 122 8.49 18.36 5.65
C ILE C 122 8.84 19.75 6.14
N ILE C 123 9.49 19.84 7.29
CA ILE C 123 9.90 21.15 7.83
C ILE C 123 11.37 21.33 7.49
N ALA C 124 11.71 22.48 6.89
CA ALA C 124 13.10 22.77 6.51
C ALA C 124 13.37 24.25 6.70
N LYS C 125 14.64 24.59 6.67
CA LYS C 125 15.05 25.98 6.73
C LYS C 125 14.99 26.59 5.33
N TYR C 126 14.62 27.86 5.28
CA TYR C 126 14.79 28.69 4.09
C TYR C 126 15.77 29.80 4.42
N GLU C 127 16.34 30.39 3.38
CA GLU C 127 17.26 31.51 3.50
C GLU C 127 16.57 32.77 3.01
N ARG C 128 16.61 33.83 3.83
CA ARG C 128 16.06 35.11 3.43
C ARG C 128 17.08 35.86 2.57
N VAL C 129 16.66 36.21 1.35
CA VAL C 129 17.53 36.83 0.35
C VAL C 129 17.47 38.34 0.47
N LEU C 130 18.63 38.97 0.33
CA LEU C 130 18.74 40.40 0.12
C LEU C 130 19.31 40.59 -1.28
N TRP C 131 18.51 41.16 -2.19
CA TRP C 131 18.98 41.37 -3.55
C TRP C 131 20.12 42.38 -3.57
N ALA C 132 21.08 42.12 -4.45
CA ALA C 132 22.12 43.08 -4.81
C ALA C 132 22.05 43.27 -6.31
N GLU C 133 21.37 44.34 -6.74
CA GLU C 133 21.17 44.52 -8.16
C GLU C 133 22.48 44.91 -8.83
N THR C 134 22.70 44.36 -10.00
CA THR C 134 23.90 44.61 -10.77
C THR C 134 23.55 44.53 -12.24
N SER C 135 24.45 45.03 -13.07
CA SER C 135 24.24 44.93 -14.50
C SER C 135 25.11 43.85 -15.14
N ILE C 136 26.03 43.26 -14.38
CA ILE C 136 26.93 42.24 -14.89
C ILE C 136 26.94 41.07 -13.90
N LEU C 137 26.47 39.91 -14.35
CA LEU C 137 26.60 38.69 -13.56
C LEU C 137 27.84 37.93 -14.03
N THR C 138 28.44 37.17 -13.11
CA THR C 138 29.60 36.36 -13.46
C THR C 138 29.25 35.37 -14.57
N GLU C 139 30.19 35.15 -15.48
CA GLU C 139 30.01 34.15 -16.51
C GLU C 139 30.23 32.77 -15.93
N THR C 140 29.40 31.81 -16.35
CA THR C 140 29.55 30.42 -15.92
C THR C 140 29.54 29.48 -17.11
N MET C 141 30.06 28.28 -16.89
CA MET C 141 30.02 27.24 -17.91
C MET C 141 28.58 26.92 -18.30
N ARG C 142 27.71 26.72 -17.32
CA ARG C 142 26.29 26.48 -17.63
C ARG C 142 25.70 27.64 -18.43
N GLY C 143 26.07 28.88 -18.07
CA GLY C 143 25.71 30.05 -18.86
C GLY C 143 24.21 30.36 -18.88
N ARG C 144 23.79 31.01 -19.98
CA ARG C 144 22.45 31.59 -20.07
C ARG C 144 21.43 30.65 -20.73
N GLY C 145 21.87 29.77 -21.61
CA GLY C 145 20.95 28.78 -22.16
C GLY C 145 20.59 27.71 -21.15
N GLY C 146 19.87 26.71 -21.64
CA GLY C 146 19.59 25.54 -20.82
C GLY C 146 18.14 25.16 -20.68
N PHE C 147 17.28 26.13 -20.37
CA PHE C 147 15.90 25.81 -20.02
C PHE C 147 15.16 25.21 -21.21
N GLY C 148 14.40 24.16 -20.93
CA GLY C 148 13.48 23.59 -21.90
C GLY C 148 14.10 22.75 -22.98
N SER C 149 15.41 22.52 -22.94
CA SER C 149 16.03 21.73 -23.98
C SER C 149 15.77 20.25 -23.71
N THR C 150 15.37 19.51 -24.76
CA THR C 150 15.28 18.06 -24.63
C THR C 150 16.61 17.50 -24.15
N GLY C 151 17.69 17.88 -24.83
CA GLY C 151 19.03 17.71 -24.31
C GLY C 151 19.62 16.34 -24.55
N LEU C 152 20.45 15.90 -23.62
CA LEU C 152 21.10 14.59 -23.73
C LEU C 152 20.16 13.47 -23.30
N THR D 6 -10.55 -40.54 15.99
CA THR D 6 -10.48 -41.26 14.72
C THR D 6 -9.13 -41.07 14.03
N ILE D 7 -8.50 -42.19 13.70
CA ILE D 7 -7.18 -42.23 13.09
C ILE D 7 -7.33 -42.55 11.61
N ILE D 8 -6.53 -41.91 10.77
CA ILE D 8 -6.50 -42.27 9.36
C ILE D 8 -5.06 -42.59 8.96
N GLU D 9 -4.87 -43.69 8.22
CA GLU D 9 -3.54 -44.00 7.69
C GLU D 9 -3.36 -43.30 6.36
N VAL D 10 -2.22 -42.65 6.17
CA VAL D 10 -1.92 -41.90 4.95
C VAL D 10 -0.58 -42.37 4.42
N LYS D 11 -0.53 -42.74 3.16
CA LYS D 11 0.74 -43.12 2.56
C LYS D 11 1.57 -41.87 2.24
N ILE D 12 2.87 -41.98 2.47
CA ILE D 12 3.76 -40.84 2.30
C ILE D 12 5.08 -41.34 1.73
N LYS D 13 5.60 -40.60 0.76
CA LYS D 13 6.85 -40.92 0.08
C LYS D 13 7.86 -39.82 0.36
N LYS D 14 9.05 -40.19 0.85
CA LYS D 14 10.11 -39.23 1.03
C LYS D 14 10.79 -38.96 -0.30
N LEU D 15 10.93 -37.69 -0.65
CA LEU D 15 11.60 -37.31 -1.88
C LEU D 15 13.09 -37.10 -1.61
N GLU D 16 13.82 -36.75 -2.67
CA GLU D 16 15.28 -36.69 -2.58
C GLU D 16 15.75 -35.69 -1.54
N ASN D 17 14.97 -34.61 -1.33
CA ASN D 17 15.35 -33.49 -0.47
C ASN D 17 14.84 -33.61 0.95
N PHE D 18 14.12 -34.69 1.29
CA PHE D 18 13.57 -34.83 2.63
C PHE D 18 14.65 -35.13 3.66
N LEU D 19 14.46 -34.60 4.87
CA LEU D 19 15.32 -34.91 6.00
C LEU D 19 14.50 -35.00 7.27
N GLY D 20 14.95 -35.84 8.19
CA GLY D 20 14.37 -35.88 9.52
C GLY D 20 13.19 -36.82 9.63
N ASN D 21 12.38 -36.57 10.66
CA ASN D 21 11.20 -37.38 10.89
C ASN D 21 10.08 -36.94 9.95
N LEU D 22 9.24 -37.90 9.57
CA LEU D 22 8.02 -37.56 8.86
C LEU D 22 7.24 -36.54 9.68
N PRO D 23 6.40 -35.73 9.02
CA PRO D 23 5.77 -34.59 9.72
C PRO D 23 5.10 -34.98 11.05
N GLU D 24 5.39 -34.19 12.08
CA GLU D 24 5.09 -34.54 13.46
C GLU D 24 4.02 -33.63 14.06
N TYR D 25 3.15 -34.19 14.90
CA TYR D 25 2.28 -33.38 15.75
C TYR D 25 3.07 -32.92 16.97
N ALA D 26 2.90 -31.65 17.35
CA ALA D 26 3.60 -31.13 18.53
C ALA D 26 3.21 -31.91 19.77
N THR D 27 1.92 -32.05 20.04
CA THR D 27 1.44 -32.77 21.19
C THR D 27 0.41 -33.80 20.74
N GLU D 28 -0.03 -34.62 21.69
CA GLU D 28 -0.91 -35.75 21.36
C GLU D 28 -2.31 -35.31 20.94
N HIS D 29 -2.69 -34.04 21.16
CA HIS D 29 -4.00 -33.57 20.74
C HIS D 29 -3.92 -32.41 19.74
N SER D 30 -2.78 -32.23 19.08
CA SER D 30 -2.62 -31.19 18.08
C SER D 30 -3.44 -31.49 16.84
N ALA D 31 -3.99 -30.44 16.22
CA ALA D 31 -4.72 -30.63 14.97
C ALA D 31 -3.79 -30.78 13.77
N GLY D 32 -2.61 -30.18 13.82
CA GLY D 32 -1.79 -30.10 12.63
C GLY D 32 -0.37 -30.62 12.85
N MET D 33 0.22 -31.09 11.77
CA MET D 33 1.62 -31.50 11.75
C MET D 33 2.48 -30.36 11.24
N ASP D 34 3.65 -30.20 11.83
CA ASP D 34 4.58 -29.18 11.36
C ASP D 34 5.23 -29.61 10.05
N LEU D 35 5.20 -28.71 9.06
CA LEU D 35 5.92 -28.90 7.81
C LEU D 35 7.24 -28.15 7.89
N VAL D 36 8.29 -28.81 7.38
CA VAL D 36 9.66 -28.32 7.46
C VAL D 36 10.15 -27.99 6.05
N ALA D 37 10.81 -26.84 5.91
CA ALA D 37 11.42 -26.45 4.65
C ALA D 37 12.44 -27.50 4.20
N ALA D 38 12.34 -27.93 2.95
CA ALA D 38 13.26 -28.88 2.38
C ALA D 38 13.95 -28.30 1.14
N ASN D 39 14.16 -26.99 1.11
CA ASN D 39 14.88 -26.37 0.00
C ASN D 39 16.37 -26.66 0.11
N GLU D 40 16.96 -27.13 -0.99
CA GLU D 40 18.37 -27.52 -0.96
C GLU D 40 19.29 -26.32 -0.95
N GLN D 41 18.80 -25.15 -1.33
CA GLN D 41 19.56 -23.92 -1.24
C GLN D 41 18.70 -22.88 -0.55
N SER D 42 19.34 -21.99 0.21
CA SER D 42 18.61 -20.98 0.96
C SER D 42 17.74 -20.12 0.04
N ILE D 43 16.58 -19.74 0.55
CA ILE D 43 15.64 -18.91 -0.18
C ILE D 43 15.38 -17.68 0.67
N THR D 44 15.68 -16.50 0.12
CA THR D 44 15.33 -15.25 0.77
C THR D 44 13.99 -14.76 0.24
N ILE D 45 13.05 -14.48 1.14
CA ILE D 45 11.78 -13.88 0.75
C ILE D 45 11.89 -12.39 1.02
N LYS D 46 11.99 -11.60 -0.03
CA LYS D 46 12.05 -10.16 0.15
C LYS D 46 10.70 -9.63 0.61
N VAL D 47 10.74 -8.45 1.25
CA VAL D 47 9.51 -7.82 1.72
C VAL D 47 8.53 -7.66 0.57
N GLY D 48 7.31 -8.17 0.77
CA GLY D 48 6.28 -8.09 -0.22
C GLY D 48 6.25 -9.25 -1.19
N SER D 49 7.27 -10.10 -1.20
CA SER D 49 7.37 -11.18 -2.17
C SER D 49 6.73 -12.48 -1.70
N ILE D 50 6.48 -13.36 -2.67
CA ILE D 50 6.02 -14.72 -2.43
C ILE D 50 7.08 -15.68 -2.91
N GLN D 51 7.38 -16.70 -2.11
CA GLN D 51 8.31 -17.75 -2.51
C GLN D 51 7.68 -19.12 -2.27
N LEU D 52 7.95 -20.03 -3.20
CA LEU D 52 7.55 -21.43 -3.09
C LEU D 52 8.63 -22.22 -2.37
N ILE D 53 8.25 -22.94 -1.32
CA ILE D 53 9.19 -23.72 -0.51
C ILE D 53 8.82 -25.19 -0.63
N PRO D 54 9.71 -26.04 -1.11
CA PRO D 54 9.37 -27.47 -1.18
C PRO D 54 9.51 -28.14 0.18
N THR D 55 8.72 -29.18 0.39
CA THR D 55 8.76 -29.94 1.64
C THR D 55 9.36 -31.33 1.52
N GLY D 56 9.63 -31.81 0.30
CA GLY D 56 10.26 -33.11 0.16
C GLY D 56 9.38 -34.29 0.46
N ILE D 57 8.06 -34.13 0.47
CA ILE D 57 7.14 -35.23 0.67
C ILE D 57 6.07 -35.19 -0.41
N ALA D 58 5.59 -36.37 -0.78
CA ALA D 58 4.35 -36.56 -1.53
C ALA D 58 3.48 -37.52 -0.75
N ILE D 59 2.17 -37.32 -0.78
CA ILE D 59 1.28 -38.14 0.02
C ILE D 59 0.14 -38.61 -0.85
N ALA D 60 -0.55 -39.66 -0.38
CA ALA D 60 -1.75 -40.17 -1.03
C ALA D 60 -2.84 -40.26 0.02
N LEU D 61 -3.71 -39.26 0.07
CA LEU D 61 -4.76 -39.23 1.06
C LEU D 61 -5.85 -40.24 0.69
N PRO D 62 -6.46 -40.89 1.66
CA PRO D 62 -7.63 -41.73 1.36
C PRO D 62 -8.79 -40.89 0.83
N GLU D 63 -9.69 -41.57 0.14
CA GLU D 63 -10.89 -40.93 -0.41
C GLU D 63 -11.68 -40.22 0.68
N SER D 64 -12.17 -39.04 0.32
CA SER D 64 -13.01 -38.14 1.11
CA SER D 64 -12.99 -38.12 1.10
C SER D 64 -12.15 -37.28 2.05
N PHE D 65 -10.83 -37.36 1.99
CA PHE D 65 -10.02 -36.51 2.83
C PHE D 65 -9.24 -35.49 2.00
N GLU D 66 -8.79 -34.45 2.69
CA GLU D 66 -7.98 -33.39 2.14
C GLU D 66 -6.96 -33.00 3.19
N ALA D 67 -5.88 -32.34 2.76
CA ALA D 67 -4.97 -31.73 3.71
C ALA D 67 -4.96 -30.22 3.50
N GLN D 68 -4.89 -29.48 4.61
CA GLN D 68 -4.86 -28.02 4.56
C GLN D 68 -3.51 -27.53 5.01
N ILE D 69 -2.90 -26.65 4.20
CA ILE D 69 -1.66 -25.98 4.55
C ILE D 69 -2.04 -24.67 5.21
N ARG D 70 -1.75 -24.53 6.51
CA ARG D 70 -2.11 -23.35 7.30
C ARG D 70 -0.88 -22.70 7.90
N PRO D 71 -0.95 -21.41 8.23
CA PRO D 71 0.21 -20.71 8.82
C PRO D 71 0.54 -21.19 10.23
N ARG D 72 1.83 -21.11 10.58
CA ARG D 72 2.25 -21.10 11.98
C ARG D 72 2.11 -19.69 12.52
N SER D 73 1.35 -19.49 13.60
CA SER D 73 1.14 -18.12 14.10
C SER D 73 2.45 -17.42 14.41
N GLY D 74 3.45 -18.15 14.91
CA GLY D 74 4.67 -17.49 15.38
C GLY D 74 5.39 -16.73 14.27
N LEU D 75 5.53 -17.35 13.11
CA LEU D 75 6.16 -16.70 11.96
C LEU D 75 5.41 -15.44 11.55
N ALA D 76 4.08 -15.50 11.61
CA ALA D 76 3.29 -14.31 11.27
C ALA D 76 3.47 -13.21 12.29
N VAL D 77 3.40 -13.56 13.59
CA VAL D 77 3.57 -12.56 14.65
C VAL D 77 4.95 -11.91 14.58
N LYS D 78 6.01 -12.72 14.51
CA LYS D 78 7.37 -12.23 14.66
C LYS D 78 7.96 -11.67 13.37
N HIS D 79 7.50 -12.11 12.21
CA HIS D 79 8.18 -11.75 10.97
C HIS D 79 7.24 -11.37 9.84
N GLY D 80 5.92 -11.38 10.07
CA GLY D 80 4.97 -11.10 9.02
C GLY D 80 4.97 -12.10 7.89
N ILE D 81 5.49 -13.30 8.15
CA ILE D 81 5.51 -14.38 7.17
C ILE D 81 4.26 -15.21 7.37
N THR D 82 3.52 -15.44 6.29
CA THR D 82 2.34 -16.30 6.38
C THR D 82 2.21 -17.06 5.07
N VAL D 83 1.18 -17.88 4.98
CA VAL D 83 0.95 -18.72 3.82
C VAL D 83 0.09 -17.93 2.83
N ALA D 84 0.62 -17.69 1.63
CA ALA D 84 0.00 -16.73 0.72
C ALA D 84 -1.34 -17.22 0.19
N ASN D 85 -1.51 -18.53 0.04
CA ASN D 85 -2.73 -19.15 -0.47
C ASN D 85 -3.51 -19.86 0.63
N SER D 86 -3.37 -19.40 1.86
CA SER D 86 -3.93 -20.14 3.00
C SER D 86 -5.46 -20.11 2.97
N PRO D 87 -6.13 -21.21 3.35
CA PRO D 87 -5.49 -22.52 3.58
C PRO D 87 -5.24 -23.22 2.25
N GLY D 88 -4.00 -23.67 2.02
CA GLY D 88 -3.69 -24.40 0.79
C GLY D 88 -4.36 -25.76 0.80
N THR D 89 -4.99 -26.11 -0.32
CA THR D 89 -5.73 -27.37 -0.43
C THR D 89 -4.85 -28.44 -1.08
N ILE D 90 -4.59 -29.54 -0.37
CA ILE D 90 -3.94 -30.71 -0.95
C ILE D 90 -5.02 -31.74 -1.22
N ASP D 91 -5.25 -32.05 -2.50
CA ASP D 91 -6.28 -33.00 -2.88
C ASP D 91 -5.82 -34.45 -2.73
N ALA D 92 -6.79 -35.34 -2.54
CA ALA D 92 -6.46 -36.74 -2.31
C ALA D 92 -5.82 -37.42 -3.51
N ASP D 93 -5.98 -36.87 -4.71
CA ASP D 93 -5.30 -37.42 -5.87
C ASP D 93 -4.05 -36.63 -6.29
N TYR D 94 -3.58 -35.72 -5.45
CA TYR D 94 -2.31 -35.05 -5.73
C TYR D 94 -1.15 -35.99 -5.47
N ARG D 95 -0.25 -36.12 -6.45
CA ARG D 95 0.88 -37.01 -6.30
C ARG D 95 2.20 -36.28 -6.46
N GLY D 96 2.16 -34.95 -6.50
CA GLY D 96 3.36 -34.15 -6.59
C GLY D 96 3.93 -33.85 -5.23
N GLU D 97 5.05 -33.13 -5.24
CA GLU D 97 5.63 -32.66 -4.00
C GLU D 97 4.73 -31.60 -3.37
N ILE D 98 4.50 -31.73 -2.06
CA ILE D 98 3.75 -30.71 -1.34
C ILE D 98 4.59 -29.45 -1.23
N LYS D 99 4.00 -28.33 -1.62
CA LYS D 99 4.70 -27.07 -1.66
C LYS D 99 4.01 -26.09 -0.73
N VAL D 100 4.80 -25.22 -0.10
CA VAL D 100 4.28 -24.18 0.79
C VAL D 100 4.58 -22.82 0.15
N LEU D 101 3.53 -22.02 -0.05
CA LEU D 101 3.65 -20.68 -0.61
C LEU D 101 3.67 -19.69 0.55
N LEU D 102 4.82 -19.09 0.77
CA LEU D 102 4.98 -18.10 1.84
C LEU D 102 5.04 -16.69 1.27
N ILE D 103 4.35 -15.76 1.93
CA ILE D 103 4.46 -14.33 1.59
C ILE D 103 5.12 -13.61 2.75
N ASN D 104 5.96 -12.62 2.44
CA ASN D 104 6.62 -11.79 3.45
C ASN D 104 5.86 -10.47 3.54
N LEU D 105 5.00 -10.36 4.55
CA LEU D 105 4.32 -9.09 4.80
C LEU D 105 4.91 -8.35 5.99
N GLY D 106 6.13 -8.69 6.41
CA GLY D 106 6.85 -7.93 7.43
C GLY D 106 7.68 -6.79 6.87
N ASN D 107 8.63 -6.32 7.69
CA ASN D 107 9.40 -5.15 7.34
C ASN D 107 10.87 -5.45 7.04
N LYS D 108 11.26 -6.72 7.00
CA LYS D 108 12.62 -7.11 6.68
C LYS D 108 12.61 -8.40 5.86
N ASP D 109 13.59 -8.52 4.96
CA ASP D 109 13.78 -9.75 4.21
C ASP D 109 13.99 -10.92 5.15
N PHE D 110 13.41 -12.06 4.81
CA PHE D 110 13.44 -13.24 5.67
C PHE D 110 14.01 -14.42 4.89
N ILE D 111 15.00 -15.09 5.47
CA ILE D 111 15.67 -16.21 4.84
C ILE D 111 15.01 -17.50 5.31
N ILE D 112 14.62 -18.34 4.35
CA ILE D 112 14.07 -19.66 4.64
C ILE D 112 15.21 -20.64 4.49
N GLU D 113 15.61 -21.28 5.58
CA GLU D 113 16.66 -22.28 5.54
C GLU D 113 16.04 -23.66 5.69
N LYS D 114 16.65 -24.63 5.02
CA LYS D 114 16.25 -26.02 5.18
C LYS D 114 16.21 -26.39 6.65
N GLY D 115 15.12 -27.03 7.08
CA GLY D 115 14.95 -27.40 8.47
C GLY D 115 14.01 -26.50 9.25
N MET D 116 13.76 -25.29 8.79
CA MET D 116 12.83 -24.40 9.48
C MET D 116 11.38 -24.91 9.38
N ARG D 117 10.65 -24.81 10.48
CA ARG D 117 9.21 -25.08 10.45
C ARG D 117 8.50 -23.89 9.79
N ILE D 118 7.73 -24.15 8.73
CA ILE D 118 7.21 -23.07 7.90
C ILE D 118 5.70 -23.05 7.82
N ALA D 119 4.99 -24.12 8.17
CA ALA D 119 3.54 -24.16 8.03
C ALA D 119 3.06 -25.37 8.83
N GLN D 120 1.75 -25.52 8.92
CA GLN D 120 1.21 -26.74 9.50
C GLN D 120 0.20 -27.35 8.55
N MET D 121 0.04 -28.66 8.65
CA MET D 121 -0.81 -29.42 7.74
C MET D 121 -1.85 -30.14 8.60
N ILE D 122 -3.12 -29.86 8.33
CA ILE D 122 -4.25 -30.43 9.07
C ILE D 122 -5.05 -31.27 8.09
N ILE D 123 -5.38 -32.52 8.47
CA ILE D 123 -6.16 -33.41 7.62
C ILE D 123 -7.62 -33.40 8.10
N ALA D 124 -8.53 -33.26 7.14
CA ALA D 124 -9.95 -33.17 7.45
C ALA D 124 -10.75 -33.87 6.36
N LYS D 125 -11.97 -34.26 6.71
CA LYS D 125 -12.89 -34.83 5.74
C LYS D 125 -13.58 -33.72 4.94
N TYR D 126 -13.81 -33.97 3.66
CA TYR D 126 -14.69 -33.11 2.85
C TYR D 126 -15.85 -33.95 2.30
N GLU D 127 -16.88 -33.26 1.80
CA GLU D 127 -18.05 -33.89 1.20
C GLU D 127 -18.10 -33.51 -0.26
N ARG D 128 -18.33 -34.49 -1.14
CA ARG D 128 -18.42 -34.20 -2.57
C ARG D 128 -19.85 -33.79 -2.90
N VAL D 129 -20.00 -32.65 -3.56
CA VAL D 129 -21.31 -32.07 -3.83
C VAL D 129 -21.91 -32.64 -5.09
N LEU D 130 -23.18 -33.03 -5.01
CA LEU D 130 -24.06 -33.28 -6.14
C LEU D 130 -25.01 -32.09 -6.24
N TRP D 131 -24.91 -31.31 -7.31
CA TRP D 131 -25.79 -30.17 -7.46
C TRP D 131 -27.22 -30.63 -7.75
N ALA D 132 -28.18 -29.96 -7.12
CA ALA D 132 -29.59 -30.02 -7.50
C ALA D 132 -29.94 -28.63 -8.01
N GLU D 133 -29.90 -28.43 -9.33
CA GLU D 133 -30.23 -27.13 -9.89
C GLU D 133 -31.70 -26.83 -9.66
N THR D 134 -32.00 -25.60 -9.25
CA THR D 134 -33.37 -25.21 -9.00
C THR D 134 -33.52 -23.73 -9.34
N SER D 135 -34.76 -23.32 -9.53
CA SER D 135 -35.07 -21.94 -9.86
C SER D 135 -35.39 -21.10 -8.64
N ILE D 136 -35.65 -21.73 -7.50
CA ILE D 136 -35.98 -21.04 -6.26
C ILE D 136 -35.33 -21.76 -5.10
N LEU D 137 -34.78 -21.00 -4.16
CA LEU D 137 -34.22 -21.52 -2.93
C LEU D 137 -35.13 -21.12 -1.78
N THR D 138 -35.13 -21.89 -0.71
CA THR D 138 -35.92 -21.53 0.47
C THR D 138 -35.47 -20.18 1.01
N GLU D 139 -36.40 -19.47 1.62
CA GLU D 139 -36.04 -18.24 2.32
C GLU D 139 -35.61 -18.57 3.74
N THR D 140 -34.66 -17.78 4.26
CA THR D 140 -34.14 -17.96 5.61
C THR D 140 -34.18 -16.65 6.37
N MET D 141 -33.93 -16.73 7.68
CA MET D 141 -33.85 -15.53 8.50
C MET D 141 -32.60 -14.71 8.20
N ARG D 142 -31.59 -15.31 7.59
CA ARG D 142 -30.46 -14.56 7.08
C ARG D 142 -30.86 -13.86 5.78
N GLY D 143 -30.95 -14.64 4.70
CA GLY D 143 -31.35 -14.11 3.41
C GLY D 143 -30.18 -13.83 2.48
N ARG D 144 -30.33 -12.79 1.65
CA ARG D 144 -29.34 -12.39 0.63
C ARG D 144 -28.52 -11.17 1.05
N THR E 6 30.42 22.24 0.99
CA THR E 6 29.61 21.36 1.84
C THR E 6 29.34 20.00 1.18
N ILE E 7 30.29 19.08 1.33
CA ILE E 7 30.20 17.74 0.77
C ILE E 7 29.66 16.79 1.84
N ILE E 8 28.72 15.93 1.44
CA ILE E 8 28.18 14.90 2.32
C ILE E 8 28.40 13.52 1.69
N GLU E 9 29.02 12.62 2.43
CA GLU E 9 29.22 11.26 1.95
C GLU E 9 27.93 10.45 2.12
N VAL E 10 27.51 9.76 1.05
CA VAL E 10 26.30 8.93 1.06
C VAL E 10 26.63 7.57 0.49
N LYS E 11 26.36 6.51 1.26
CA LYS E 11 26.52 5.14 0.77
C LYS E 11 25.51 4.85 -0.34
N ILE E 12 25.94 4.11 -1.36
CA ILE E 12 25.06 3.80 -2.49
C ILE E 12 25.41 2.41 -3.01
N LYS E 13 24.37 1.62 -3.27
CA LYS E 13 24.48 0.25 -3.76
C LYS E 13 23.87 0.15 -5.14
N LYS E 14 24.63 -0.38 -6.09
CA LYS E 14 24.13 -0.68 -7.42
C LYS E 14 23.31 -1.97 -7.40
N LEU E 15 22.06 -1.91 -7.84
CA LEU E 15 21.25 -3.11 -7.92
C LEU E 15 21.51 -3.81 -9.25
N GLU E 16 20.85 -4.96 -9.44
CA GLU E 16 21.10 -5.79 -10.62
C GLU E 16 20.84 -5.03 -11.92
N ASN E 17 19.83 -4.17 -11.93
CA ASN E 17 19.40 -3.50 -13.16
C ASN E 17 20.19 -2.23 -13.47
N PHE E 18 21.20 -1.89 -12.67
CA PHE E 18 21.89 -0.62 -12.85
C PHE E 18 22.89 -0.69 -14.00
N LEU E 19 23.09 0.45 -14.66
CA LEU E 19 24.03 0.55 -15.76
C LEU E 19 24.60 1.96 -15.84
N GLY E 20 25.85 2.06 -16.28
CA GLY E 20 26.46 3.34 -16.50
C GLY E 20 27.11 3.90 -15.26
N ASN E 21 27.06 5.23 -15.11
CA ASN E 21 27.61 5.89 -13.94
C ASN E 21 26.55 5.99 -12.85
N LEU E 22 27.03 6.16 -11.62
CA LEU E 22 26.14 6.56 -10.55
C LEU E 22 25.63 7.97 -10.88
N PRO E 23 24.53 8.40 -10.29
CA PRO E 23 23.99 9.73 -10.62
C PRO E 23 25.05 10.81 -10.46
N GLU E 24 25.16 11.69 -11.45
CA GLU E 24 26.18 12.74 -11.40
C GLU E 24 25.56 14.13 -11.47
N TYR E 25 26.26 15.07 -10.84
CA TYR E 25 25.93 16.48 -10.93
C TYR E 25 26.40 16.98 -12.28
N ALA E 26 25.55 17.73 -12.97
CA ALA E 26 25.97 18.26 -14.27
C ALA E 26 27.20 19.15 -14.13
N THR E 27 27.26 19.94 -13.05
CA THR E 27 28.34 20.86 -12.82
C THR E 27 28.69 20.85 -11.35
N GLU E 28 29.84 21.47 -11.02
CA GLU E 28 30.26 21.58 -9.64
C GLU E 28 29.27 22.36 -8.78
N HIS E 29 28.42 23.19 -9.38
CA HIS E 29 27.49 23.99 -8.61
C HIS E 29 26.02 23.63 -8.82
N SER E 30 25.75 22.51 -9.48
CA SER E 30 24.39 22.05 -9.69
C SER E 30 23.76 21.56 -8.38
N ALA E 31 22.48 21.86 -8.20
CA ALA E 31 21.80 21.50 -6.97
C ALA E 31 21.54 20.00 -6.90
N GLY E 32 21.32 19.37 -8.06
CA GLY E 32 20.82 18.00 -8.09
C GLY E 32 21.61 17.14 -9.06
N MET E 33 21.47 15.83 -8.86
CA MET E 33 22.07 14.82 -9.73
C MET E 33 21.03 14.33 -10.73
N ASP E 34 21.45 14.06 -11.95
CA ASP E 34 20.51 13.53 -12.93
C ASP E 34 20.28 12.05 -12.69
N LEU E 35 19.00 11.68 -12.59
CA LEU E 35 18.58 10.29 -12.47
C LEU E 35 18.24 9.76 -13.85
N VAL E 36 18.72 8.55 -14.14
CA VAL E 36 18.66 7.95 -15.46
C VAL E 36 17.74 6.73 -15.44
N ALA E 37 16.88 6.62 -16.46
CA ALA E 37 15.99 5.47 -16.56
C ALA E 37 16.79 4.18 -16.67
N ALA E 38 16.35 3.15 -15.95
CA ALA E 38 17.01 1.85 -16.00
C ALA E 38 16.02 0.72 -16.25
N ASN E 39 14.89 1.01 -16.89
CA ASN E 39 13.99 -0.04 -17.34
C ASN E 39 14.65 -0.85 -18.45
N GLU E 40 14.62 -2.19 -18.33
CA GLU E 40 15.30 -3.03 -19.30
C GLU E 40 14.72 -2.85 -20.71
N GLN E 41 13.40 -2.66 -20.78
CA GLN E 41 12.66 -2.48 -22.02
C GLN E 41 11.99 -1.12 -22.01
N SER E 42 11.74 -0.57 -23.19
CA SER E 42 11.08 0.72 -23.28
CA SER E 42 11.08 0.74 -23.27
C SER E 42 9.70 0.66 -22.63
N ILE E 43 9.35 1.73 -21.93
CA ILE E 43 8.05 1.88 -21.30
C ILE E 43 7.34 3.01 -22.02
N THR E 44 6.17 2.72 -22.58
CA THR E 44 5.34 3.77 -23.17
C THR E 44 4.49 4.38 -22.07
N ILE E 45 4.51 5.72 -21.99
CA ILE E 45 3.62 6.46 -21.09
C ILE E 45 2.56 7.09 -21.97
N LYS E 46 1.35 6.54 -21.93
CA LYS E 46 0.26 7.05 -22.73
C LYS E 46 -0.19 8.42 -22.22
N VAL E 47 -0.89 9.14 -23.08
CA VAL E 47 -1.43 10.45 -22.71
C VAL E 47 -2.26 10.30 -21.45
N GLY E 48 -1.88 11.05 -20.40
CA GLY E 48 -2.61 11.07 -19.15
C GLY E 48 -2.26 9.98 -18.17
N SER E 49 -1.31 9.09 -18.51
CA SER E 49 -0.98 7.94 -17.70
C SER E 49 0.20 8.23 -16.77
N ILE E 50 0.37 7.37 -15.76
CA ILE E 50 1.48 7.43 -14.80
C ILE E 50 2.26 6.13 -14.91
N GLN E 51 3.59 6.23 -14.96
CA GLN E 51 4.46 5.06 -15.04
C GLN E 51 5.60 5.17 -14.05
N LEU E 52 5.87 4.06 -13.37
CA LEU E 52 6.97 3.98 -12.41
C LEU E 52 8.22 3.53 -13.16
N ILE E 53 9.32 4.28 -13.01
CA ILE E 53 10.55 4.01 -13.74
C ILE E 53 11.64 3.66 -12.71
N PRO E 54 12.29 2.50 -12.84
CA PRO E 54 13.37 2.16 -11.91
C PRO E 54 14.68 2.88 -12.26
N THR E 55 15.50 3.10 -11.24
CA THR E 55 16.83 3.69 -11.45
C THR E 55 17.98 2.77 -11.08
N GLY E 56 17.71 1.62 -10.44
CA GLY E 56 18.76 0.66 -10.20
C GLY E 56 19.73 0.98 -9.08
N ILE E 57 19.41 1.95 -8.22
CA ILE E 57 20.26 2.28 -7.08
C ILE E 57 19.41 2.24 -5.81
N ALA E 58 20.08 1.95 -4.70
CA ALA E 58 19.57 2.14 -3.36
C ALA E 58 20.62 2.95 -2.61
N ILE E 59 20.17 3.85 -1.70
CA ILE E 59 21.11 4.70 -0.98
C ILE E 59 20.80 4.68 0.51
N ALA E 60 21.77 5.17 1.30
CA ALA E 60 21.65 5.32 2.76
C ALA E 60 22.02 6.75 3.14
N LEU E 61 21.03 7.63 3.20
CA LEU E 61 21.30 9.01 3.56
C LEU E 61 21.63 9.11 5.06
N PRO E 62 22.60 9.94 5.43
CA PRO E 62 22.85 10.17 6.86
C PRO E 62 21.64 10.76 7.55
N GLU E 63 21.59 10.56 8.87
CA GLU E 63 20.52 11.15 9.66
C GLU E 63 20.45 12.65 9.41
N SER E 64 19.22 13.17 9.37
CA SER E 64 18.85 14.58 9.19
C SER E 64 18.88 15.02 7.73
N PHE E 65 19.21 14.15 6.77
CA PHE E 65 19.16 14.49 5.36
C PHE E 65 18.00 13.78 4.67
N GLU E 66 17.60 14.33 3.53
CA GLU E 66 16.58 13.74 2.66
C GLU E 66 16.99 13.97 1.22
N ALA E 67 16.43 13.20 0.31
CA ALA E 67 16.66 13.46 -1.11
C ALA E 67 15.32 13.78 -1.76
N GLN E 68 15.35 14.69 -2.74
CA GLN E 68 14.14 15.20 -3.38
C GLN E 68 14.16 14.84 -4.87
N ILE E 69 13.14 14.15 -5.34
CA ILE E 69 13.03 13.79 -6.75
CA ILE E 69 13.04 13.80 -6.75
C ILE E 69 12.22 14.88 -7.44
N ARG E 70 12.84 15.62 -8.34
CA ARG E 70 12.21 16.76 -8.99
C ARG E 70 12.27 16.60 -10.50
N PRO E 71 11.37 17.26 -11.23
CA PRO E 71 11.41 17.19 -12.70
C PRO E 71 12.60 17.94 -13.28
N ARG E 72 13.01 17.52 -14.48
CA ARG E 72 13.88 18.35 -15.30
C ARG E 72 13.02 19.09 -16.33
N SER E 73 13.51 20.26 -16.75
CA SER E 73 12.65 21.20 -17.47
C SER E 73 12.33 20.73 -18.89
N GLY E 74 13.29 20.07 -19.55
CA GLY E 74 13.13 19.73 -20.96
C GLY E 74 11.95 18.80 -21.21
N LEU E 75 11.83 17.75 -20.40
CA LEU E 75 10.72 16.80 -20.58
C LEU E 75 9.38 17.49 -20.38
N ALA E 76 9.29 18.42 -19.43
CA ALA E 76 8.03 19.12 -19.18
C ALA E 76 7.71 20.07 -20.31
N VAL E 77 8.69 20.84 -20.77
CA VAL E 77 8.46 21.85 -21.80
C VAL E 77 8.13 21.20 -23.13
N LYS E 78 8.90 20.17 -23.51
CA LYS E 78 8.84 19.59 -24.85
C LYS E 78 7.79 18.50 -24.99
N HIS E 79 7.38 17.87 -23.90
CA HIS E 79 6.55 16.67 -23.99
C HIS E 79 5.48 16.60 -22.92
N GLY E 80 5.38 17.60 -22.04
CA GLY E 80 4.41 17.55 -20.94
C GLY E 80 4.65 16.44 -19.94
N ILE E 81 5.87 15.93 -19.86
CA ILE E 81 6.20 14.84 -18.96
C ILE E 81 6.80 15.44 -17.69
N THR E 82 6.26 15.06 -16.53
CA THR E 82 6.78 15.55 -15.26
C THR E 82 6.68 14.42 -14.23
N VAL E 83 7.10 14.73 -13.00
CA VAL E 83 7.14 13.78 -11.90
C VAL E 83 5.80 13.85 -11.16
N ALA E 84 5.05 12.75 -11.17
CA ALA E 84 3.65 12.77 -10.73
C ALA E 84 3.53 13.07 -9.24
N ASN E 85 4.49 12.62 -8.43
CA ASN E 85 4.47 12.89 -7.00
C ASN E 85 5.50 13.95 -6.61
N SER E 86 5.77 14.91 -7.50
CA SER E 86 6.87 15.84 -7.27
C SER E 86 6.56 16.79 -6.13
N PRO E 87 7.54 17.12 -5.27
CA PRO E 87 8.86 16.47 -5.21
C PRO E 87 8.80 15.17 -4.44
N GLY E 88 9.36 14.11 -5.00
CA GLY E 88 9.33 12.83 -4.31
C GLY E 88 10.32 12.85 -3.17
N THR E 89 9.89 12.32 -2.02
CA THR E 89 10.69 12.37 -0.81
C THR E 89 11.39 11.03 -0.59
N ILE E 90 12.73 11.04 -0.57
CA ILE E 90 13.50 9.85 -0.23
C ILE E 90 13.96 10.00 1.21
N ASP E 91 13.56 9.06 2.07
CA ASP E 91 13.86 9.12 3.49
C ASP E 91 15.22 8.48 3.80
N ALA E 92 15.86 8.98 4.87
CA ALA E 92 17.19 8.48 5.25
C ALA E 92 17.17 7.01 5.67
N ASP E 93 16.03 6.47 6.09
CA ASP E 93 16.00 5.06 6.42
C ASP E 93 15.41 4.22 5.30
N TYR E 94 15.24 4.76 4.10
CA TYR E 94 14.76 3.95 2.99
C TYR E 94 15.90 3.17 2.38
N ARG E 95 15.68 1.87 2.16
CA ARG E 95 16.72 1.00 1.63
C ARG E 95 16.28 0.25 0.38
N GLY E 96 15.14 0.61 -0.19
CA GLY E 96 14.67 0.02 -1.43
C GLY E 96 15.28 0.72 -2.63
N GLU E 97 14.83 0.32 -3.81
CA GLU E 97 15.25 0.95 -5.05
C GLU E 97 14.57 2.30 -5.25
N ILE E 98 15.35 3.32 -5.63
CA ILE E 98 14.78 4.62 -5.96
CA ILE E 98 14.81 4.64 -5.97
C ILE E 98 14.03 4.52 -7.27
N LYS E 99 12.80 4.96 -7.26
CA LYS E 99 11.99 4.91 -8.47
C LYS E 99 11.48 6.31 -8.75
N VAL E 100 11.22 6.58 -10.02
CA VAL E 100 10.73 7.88 -10.45
C VAL E 100 9.32 7.69 -11.03
N LEU E 101 8.36 8.39 -10.46
CA LEU E 101 6.98 8.31 -10.94
CA LEU E 101 6.97 8.34 -10.91
C LEU E 101 6.74 9.43 -11.95
N LEU E 102 6.54 9.05 -13.21
CA LEU E 102 6.35 10.00 -14.29
C LEU E 102 4.89 10.03 -14.75
N ILE E 103 4.40 11.21 -15.11
CA ILE E 103 3.05 11.35 -15.65
C ILE E 103 3.15 12.06 -16.99
N ASN E 104 2.32 11.65 -17.94
CA ASN E 104 2.29 12.26 -19.27
C ASN E 104 1.12 13.23 -19.31
N LEU E 105 1.41 14.50 -19.11
CA LEU E 105 0.42 15.56 -19.25
C LEU E 105 0.53 16.27 -20.58
N GLY E 106 1.14 15.62 -21.57
CA GLY E 106 1.29 16.17 -22.90
C GLY E 106 0.21 15.67 -23.84
N ASN E 107 0.44 15.86 -25.15
CA ASN E 107 -0.58 15.56 -26.15
C ASN E 107 -0.28 14.33 -26.98
N LYS E 108 0.84 13.65 -26.75
CA LYS E 108 1.18 12.42 -27.47
C LYS E 108 1.78 11.41 -26.50
N ASP E 109 1.58 10.14 -26.80
CA ASP E 109 2.27 9.07 -26.09
C ASP E 109 3.78 9.29 -26.14
N PHE E 110 4.46 9.00 -25.03
CA PHE E 110 5.90 9.21 -24.93
C PHE E 110 6.57 7.95 -24.41
N ILE E 111 7.69 7.59 -25.02
CA ILE E 111 8.41 6.36 -24.68
C ILE E 111 9.61 6.71 -23.83
N ILE E 112 9.71 6.06 -22.67
CA ILE E 112 10.88 6.17 -21.81
C ILE E 112 11.83 5.03 -22.17
N GLU E 113 13.02 5.38 -22.64
CA GLU E 113 14.05 4.40 -22.99
C GLU E 113 15.14 4.41 -21.93
N LYS E 114 15.67 3.22 -21.63
CA LYS E 114 16.83 3.10 -20.74
C LYS E 114 17.92 4.07 -21.18
N GLY E 115 18.51 4.76 -20.21
CA GLY E 115 19.52 5.75 -20.47
C GLY E 115 19.04 7.18 -20.46
N MET E 116 17.73 7.41 -20.61
CA MET E 116 17.19 8.77 -20.60
C MET E 116 17.28 9.37 -19.20
N ARG E 117 17.64 10.65 -19.16
CA ARG E 117 17.53 11.42 -17.92
C ARG E 117 16.06 11.73 -17.66
N ILE E 118 15.54 11.32 -16.50
CA ILE E 118 14.11 11.42 -16.24
C ILE E 118 13.78 12.30 -15.05
N ALA E 119 14.75 12.70 -14.25
CA ALA E 119 14.51 13.52 -13.07
C ALA E 119 15.84 14.03 -12.55
N GLN E 120 15.79 14.91 -11.55
CA GLN E 120 17.00 15.30 -10.83
C GLN E 120 16.75 15.11 -9.34
N MET E 121 17.82 14.83 -8.60
CA MET E 121 17.72 14.43 -7.20
C MET E 121 18.57 15.36 -6.35
N ILE E 122 17.93 16.10 -5.45
CA ILE E 122 18.61 17.12 -4.65
C ILE E 122 18.62 16.65 -3.20
N ILE E 123 19.78 16.66 -2.55
CA ILE E 123 19.88 16.28 -1.14
C ILE E 123 19.96 17.53 -0.28
N ALA E 124 19.15 17.56 0.77
CA ALA E 124 19.08 18.70 1.69
C ALA E 124 18.83 18.19 3.11
N LYS E 125 19.14 19.04 4.08
CA LYS E 125 18.77 18.77 5.47
C LYS E 125 17.30 19.06 5.70
N TYR E 126 16.69 18.27 6.57
CA TYR E 126 15.36 18.57 7.08
C TYR E 126 15.46 18.72 8.60
N GLU E 127 14.42 19.29 9.19
CA GLU E 127 14.36 19.48 10.63
C GLU E 127 13.29 18.55 11.21
N ARG E 128 13.62 17.88 12.31
CA ARG E 128 12.66 17.02 12.98
C ARG E 128 11.91 17.82 14.04
N VAL E 129 10.58 17.82 13.94
CA VAL E 129 9.71 18.66 14.74
C VAL E 129 9.25 17.90 15.96
N LEU E 130 9.24 18.57 17.11
CA LEU E 130 8.51 18.13 18.29
C LEU E 130 7.32 19.07 18.46
N TRP E 131 6.10 18.53 18.45
CA TRP E 131 4.94 19.40 18.60
C TRP E 131 4.79 19.90 20.03
N ALA E 132 4.36 21.15 20.19
CA ALA E 132 3.96 21.71 21.47
C ALA E 132 2.54 22.24 21.31
N GLU E 133 1.59 21.51 21.86
CA GLU E 133 0.18 21.81 21.69
C GLU E 133 -0.20 23.05 22.49
N THR E 134 -0.96 23.95 21.87
CA THR E 134 -1.42 25.17 22.53
C THR E 134 -2.83 25.47 22.08
N SER E 135 -3.54 26.27 22.89
CA SER E 135 -4.85 26.73 22.48
C SER E 135 -4.81 28.08 21.78
N ILE E 136 -3.71 28.81 21.91
CA ILE E 136 -3.59 30.19 21.46
C ILE E 136 -2.28 30.29 20.70
N LEU E 137 -2.35 30.42 19.37
CA LEU E 137 -1.15 30.67 18.59
C LEU E 137 -0.87 32.16 18.55
N THR E 138 0.40 32.49 18.33
CA THR E 138 0.79 33.89 18.17
C THR E 138 0.07 34.54 17.00
N GLU E 139 -0.11 35.85 17.07
CA GLU E 139 -0.81 36.61 16.04
C GLU E 139 0.18 37.04 14.97
N THR E 140 -0.28 37.12 13.72
CA THR E 140 0.54 37.65 12.64
C THR E 140 -0.33 38.48 11.70
N MET E 141 0.31 39.10 10.72
CA MET E 141 -0.41 39.92 9.76
C MET E 141 -0.89 39.13 8.55
N ARG E 142 -0.35 37.94 8.30
CA ARG E 142 -0.75 37.16 7.14
C ARG E 142 -2.21 36.74 7.25
N GLY E 143 -2.97 36.95 6.16
CA GLY E 143 -4.36 36.49 6.11
C GLY E 143 -5.34 37.30 6.92
N ARG E 144 -4.92 38.39 7.53
CA ARG E 144 -5.75 39.06 8.53
C ARG E 144 -7.03 39.61 7.90
N GLY E 145 -8.18 39.29 8.49
CA GLY E 145 -9.42 39.92 8.06
C GLY E 145 -10.02 39.34 6.82
N GLY E 146 -9.55 38.19 6.37
CA GLY E 146 -10.08 37.59 5.16
C GLY E 146 -11.48 37.07 5.35
N PHE E 147 -12.24 37.04 4.25
CA PHE E 147 -13.59 36.51 4.29
C PHE E 147 -13.60 35.06 4.74
N GLY E 148 -14.54 34.73 5.63
CA GLY E 148 -14.75 33.36 6.06
C GLY E 148 -13.73 32.83 7.05
N SER E 149 -12.78 33.64 7.49
CA SER E 149 -11.77 33.16 8.41
CA SER E 149 -11.75 33.18 8.41
C SER E 149 -12.30 33.19 9.84
N THR E 150 -12.17 32.07 10.52
CA THR E 150 -12.65 31.98 11.90
C THR E 150 -11.56 32.17 12.93
N GLY E 151 -10.32 31.86 12.57
CA GLY E 151 -9.22 31.87 13.52
C GLY E 151 -9.33 30.82 14.58
N LEU E 152 -10.17 29.80 14.39
CA LEU E 152 -10.46 28.82 15.43
C LEU E 152 -10.65 27.43 14.84
N ILE F 7 20.44 36.22 6.69
CA ILE F 7 20.24 36.89 5.40
C ILE F 7 21.44 36.70 4.48
N ILE F 8 21.16 36.28 3.25
CA ILE F 8 22.20 36.01 2.26
C ILE F 8 22.02 36.96 1.09
N GLU F 9 23.12 37.53 0.60
CA GLU F 9 23.05 38.46 -0.52
C GLU F 9 23.18 37.72 -1.84
N VAL F 10 22.34 38.10 -2.80
CA VAL F 10 22.29 37.44 -4.11
C VAL F 10 22.30 38.49 -5.21
N LYS F 11 23.28 38.42 -6.11
CA LYS F 11 23.29 39.32 -7.24
C LYS F 11 22.10 39.01 -8.15
N ILE F 12 21.53 40.07 -8.74
CA ILE F 12 20.36 39.93 -9.61
C ILE F 12 20.43 41.00 -10.66
N LYS F 13 20.10 40.63 -11.90
CA LYS F 13 20.19 41.54 -13.03
C LYS F 13 18.81 41.67 -13.68
N LYS F 14 18.43 42.92 -13.97
CA LYS F 14 17.21 43.17 -14.73
C LYS F 14 17.53 43.02 -16.22
N LEU F 15 16.81 42.15 -16.91
CA LEU F 15 17.01 41.98 -18.34
C LEU F 15 16.22 43.04 -19.11
N GLU F 16 16.36 43.01 -20.44
CA GLU F 16 15.74 44.03 -21.30
C GLU F 16 14.22 44.09 -21.09
N ASN F 17 13.59 42.95 -20.84
CA ASN F 17 12.14 42.86 -20.75
C ASN F 17 11.60 43.00 -19.33
N PHE F 18 12.38 43.51 -18.39
CA PHE F 18 11.92 43.63 -17.01
C PHE F 18 11.24 44.97 -16.79
N LEU F 19 9.99 44.93 -16.34
CA LEU F 19 9.26 46.10 -15.87
C LEU F 19 8.80 45.83 -14.45
N GLY F 20 9.16 46.72 -13.54
CA GLY F 20 8.61 46.64 -12.21
C GLY F 20 9.64 46.58 -11.09
N ASN F 21 9.53 45.55 -10.26
CA ASN F 21 10.30 45.48 -9.03
C ASN F 21 10.94 44.13 -8.93
N LEU F 22 12.12 44.10 -8.30
CA LEU F 22 12.75 42.83 -7.98
C LEU F 22 11.79 41.99 -7.14
N PRO F 23 11.88 40.67 -7.21
CA PRO F 23 10.96 39.81 -6.46
C PRO F 23 10.93 40.16 -4.98
N GLU F 24 9.72 40.26 -4.42
CA GLU F 24 9.50 40.70 -3.05
C GLU F 24 8.96 39.56 -2.20
N TYR F 25 9.42 39.49 -0.94
CA TYR F 25 8.73 38.67 0.06
C TYR F 25 7.44 39.36 0.47
N ALA F 26 6.32 38.64 0.41
CA ALA F 26 5.03 39.24 0.77
C ALA F 26 5.04 39.75 2.20
N THR F 27 5.59 38.97 3.12
CA THR F 27 5.66 39.34 4.52
C THR F 27 7.10 39.15 4.99
N GLU F 28 7.35 39.65 6.21
CA GLU F 28 8.68 39.56 6.80
C GLU F 28 9.11 38.12 7.08
N HIS F 29 8.15 37.18 7.16
CA HIS F 29 8.51 35.79 7.44
C HIS F 29 8.09 34.83 6.33
N SER F 30 7.89 35.34 5.12
CA SER F 30 7.59 34.49 3.97
C SER F 30 8.80 33.66 3.61
N ALA F 31 8.56 32.39 3.31
CA ALA F 31 9.63 31.53 2.85
C ALA F 31 10.16 31.95 1.47
N GLY F 32 9.29 32.50 0.61
CA GLY F 32 9.70 32.75 -0.76
C GLY F 32 9.24 34.11 -1.24
N MET F 33 9.84 34.53 -2.36
CA MET F 33 9.53 35.80 -3.01
C MET F 33 8.51 35.58 -4.11
N ASP F 34 7.61 36.55 -4.30
CA ASP F 34 6.62 36.43 -5.36
C ASP F 34 7.26 36.69 -6.73
N LEU F 35 7.05 35.79 -7.67
CA LEU F 35 7.50 36.00 -9.06
C LEU F 35 6.35 36.54 -9.89
N VAL F 36 6.64 37.58 -10.66
CA VAL F 36 5.63 38.34 -11.37
C VAL F 36 5.84 38.11 -12.86
N ALA F 37 4.74 37.87 -13.59
CA ALA F 37 4.80 37.70 -15.03
C ALA F 37 5.33 38.95 -15.73
N ALA F 38 6.22 38.74 -16.69
CA ALA F 38 6.83 39.84 -17.44
C ALA F 38 6.64 39.68 -18.94
N ASN F 39 5.64 38.92 -19.37
CA ASN F 39 5.26 38.90 -20.77
C ASN F 39 4.67 40.24 -21.17
N GLU F 40 5.09 40.76 -22.31
CA GLU F 40 4.54 42.02 -22.80
C GLU F 40 3.06 41.87 -23.12
N GLN F 41 2.73 40.96 -24.03
CA GLN F 41 1.36 40.69 -24.42
C GLN F 41 0.75 39.63 -23.52
N SER F 42 -0.57 39.71 -23.34
CA SER F 42 -1.29 38.67 -22.61
C SER F 42 -1.02 37.31 -23.24
N ILE F 43 -1.01 36.28 -22.39
CA ILE F 43 -0.81 34.91 -22.83
C ILE F 43 -1.99 34.08 -22.35
N THR F 44 -2.64 33.40 -23.28
CA THR F 44 -3.73 32.51 -22.93
C THR F 44 -3.20 31.09 -22.77
N ILE F 45 -3.40 30.52 -21.59
CA ILE F 45 -3.16 29.09 -21.36
C ILE F 45 -4.51 28.40 -21.53
N LYS F 46 -4.68 27.69 -22.64
CA LYS F 46 -5.89 26.93 -22.87
C LYS F 46 -5.96 25.76 -21.88
N VAL F 47 -7.18 25.25 -21.68
CA VAL F 47 -7.35 24.08 -20.82
C VAL F 47 -6.40 22.99 -21.28
N GLY F 48 -5.67 22.40 -20.34
CA GLY F 48 -4.76 21.31 -20.64
C GLY F 48 -3.39 21.72 -21.14
N SER F 49 -3.15 23.01 -21.37
CA SER F 49 -1.95 23.47 -22.05
C SER F 49 -0.85 23.87 -21.07
N ILE F 50 0.37 23.90 -21.58
CA ILE F 50 1.54 24.36 -20.85
C ILE F 50 2.09 25.59 -21.57
N GLN F 51 2.34 26.66 -20.82
CA GLN F 51 2.87 27.91 -21.36
CA GLN F 51 2.89 27.89 -21.36
C GLN F 51 4.03 28.40 -20.50
N LEU F 52 5.10 28.83 -21.17
CA LEU F 52 6.29 29.37 -20.52
C LEU F 52 6.15 30.88 -20.32
N ILE F 53 6.36 31.37 -19.10
CA ILE F 53 6.14 32.77 -18.77
C ILE F 53 7.47 33.37 -18.32
N PRO F 54 7.91 34.48 -18.92
CA PRO F 54 9.19 35.09 -18.52
C PRO F 54 9.05 35.99 -17.30
N THR F 55 10.16 36.16 -16.59
CA THR F 55 10.18 37.00 -15.41
C THR F 55 11.05 38.24 -15.55
N GLY F 56 11.95 38.28 -16.53
CA GLY F 56 12.80 39.43 -16.73
C GLY F 56 13.97 39.57 -15.79
N ILE F 57 14.33 38.52 -15.05
CA ILE F 57 15.48 38.59 -14.16
C ILE F 57 16.41 37.40 -14.39
N ALA F 58 17.67 37.61 -14.08
CA ALA F 58 18.67 36.57 -13.95
C ALA F 58 19.36 36.76 -12.62
N ILE F 59 19.80 35.66 -12.00
CA ILE F 59 20.40 35.75 -10.68
C ILE F 59 21.68 34.93 -10.63
N ALA F 60 22.49 35.22 -9.60
CA ALA F 60 23.73 34.49 -9.33
C ALA F 60 23.71 34.03 -7.87
N LEU F 61 23.20 32.83 -7.65
CA LEU F 61 23.14 32.30 -6.29
C LEU F 61 24.55 31.94 -5.80
N PRO F 62 24.84 32.21 -4.54
CA PRO F 62 26.13 31.81 -3.98
C PRO F 62 26.24 30.29 -3.92
N GLU F 63 27.49 29.86 -3.78
CA GLU F 63 27.80 28.44 -3.66
C GLU F 63 27.00 27.81 -2.53
N SER F 64 26.46 26.62 -2.80
CA SER F 64 25.68 25.77 -1.90
C SER F 64 24.23 26.20 -1.76
N PHE F 65 23.73 27.13 -2.57
CA PHE F 65 22.33 27.52 -2.53
C PHE F 65 21.64 27.15 -3.84
N GLU F 66 20.33 26.98 -3.75
CA GLU F 66 19.47 26.75 -4.90
C GLU F 66 18.24 27.63 -4.72
N ALA F 67 17.52 27.88 -5.80
CA ALA F 67 16.20 28.49 -5.69
C ALA F 67 15.17 27.54 -6.26
N GLN F 68 14.00 27.52 -5.64
CA GLN F 68 12.92 26.62 -6.02
C GLN F 68 11.75 27.43 -6.56
N ILE F 69 11.29 27.09 -7.75
CA ILE F 69 10.11 27.74 -8.32
C ILE F 69 8.90 26.88 -7.93
N ARG F 70 8.01 27.44 -7.10
CA ARG F 70 6.87 26.71 -6.56
C ARG F 70 5.56 27.40 -6.91
N PRO F 71 4.46 26.65 -6.95
CA PRO F 71 3.16 27.26 -7.22
C PRO F 71 2.65 28.13 -6.07
N ARG F 72 1.76 29.05 -6.43
CA ARG F 72 1.00 29.82 -5.46
CA ARG F 72 1.00 29.82 -5.46
C ARG F 72 -0.38 29.18 -5.29
N SER F 73 -0.91 29.23 -4.06
CA SER F 73 -2.15 28.52 -3.78
C SER F 73 -3.33 29.08 -4.56
N GLY F 74 -3.39 30.40 -4.74
CA GLY F 74 -4.57 31.01 -5.33
C GLY F 74 -4.84 30.56 -6.76
N LEU F 75 -3.82 30.63 -7.63
CA LEU F 75 -4.02 30.21 -9.01
C LEU F 75 -4.44 28.75 -9.08
N ALA F 76 -3.94 27.92 -8.17
CA ALA F 76 -4.28 26.50 -8.14
C ALA F 76 -5.73 26.29 -7.69
N VAL F 77 -6.09 26.87 -6.54
CA VAL F 77 -7.44 26.72 -6.00
C VAL F 77 -8.48 27.26 -6.97
N LYS F 78 -8.25 28.45 -7.52
CA LYS F 78 -9.29 29.12 -8.26
C LYS F 78 -9.35 28.73 -9.73
N HIS F 79 -8.23 28.34 -10.33
CA HIS F 79 -8.14 28.18 -11.77
C HIS F 79 -7.47 26.89 -12.20
N GLY F 80 -7.01 26.08 -11.24
CA GLY F 80 -6.29 24.88 -11.58
C GLY F 80 -4.96 25.14 -12.25
N ILE F 81 -4.44 26.36 -12.15
CA ILE F 81 -3.14 26.70 -12.75
C ILE F 81 -2.06 26.33 -11.75
N THR F 82 -1.04 25.60 -12.20
CA THR F 82 0.07 25.31 -11.31
C THR F 82 1.34 25.27 -12.13
N VAL F 83 2.45 24.94 -11.47
CA VAL F 83 3.77 24.97 -12.10
C VAL F 83 4.07 23.57 -12.61
N ALA F 84 4.26 23.44 -13.93
CA ALA F 84 4.27 22.11 -14.56
C ALA F 84 5.48 21.29 -14.18
N ASN F 85 6.63 21.94 -13.93
CA ASN F 85 7.87 21.29 -13.55
C ASN F 85 8.17 21.49 -12.07
N SER F 86 7.14 21.66 -11.26
CA SER F 86 7.35 22.07 -9.88
C SER F 86 7.94 20.93 -9.04
N PRO F 87 8.81 21.26 -8.06
CA PRO F 87 9.39 22.59 -7.93
C PRO F 87 10.52 22.80 -8.94
N GLY F 88 10.55 23.93 -9.63
CA GLY F 88 11.62 24.17 -10.60
C GLY F 88 12.91 24.50 -9.87
N THR F 89 14.01 23.88 -10.31
CA THR F 89 15.29 24.02 -9.63
C THR F 89 16.13 25.06 -10.37
N ILE F 90 16.53 26.13 -9.68
CA ILE F 90 17.46 27.13 -10.22
C ILE F 90 18.83 26.84 -9.63
N ASP F 91 19.78 26.41 -10.47
CA ASP F 91 21.12 26.11 -10.01
C ASP F 91 21.93 27.38 -9.81
N ALA F 92 22.93 27.29 -8.93
CA ALA F 92 23.72 28.47 -8.56
C ALA F 92 24.52 29.00 -9.74
N ASP F 93 24.84 28.15 -10.72
CA ASP F 93 25.60 28.59 -11.88
C ASP F 93 24.71 28.91 -13.08
N TYR F 94 23.40 28.94 -12.92
CA TYR F 94 22.51 29.38 -13.97
C TYR F 94 22.56 30.90 -14.12
N ARG F 95 22.71 31.37 -15.34
CA ARG F 95 22.82 32.79 -15.60
C ARG F 95 21.79 33.29 -16.61
N GLY F 96 20.83 32.44 -17.00
CA GLY F 96 19.80 32.82 -17.93
C GLY F 96 18.60 33.47 -17.24
N GLU F 97 17.60 33.78 -18.05
CA GLU F 97 16.36 34.34 -17.52
C GLU F 97 15.61 33.28 -16.73
N ILE F 98 15.15 33.64 -15.55
CA ILE F 98 14.31 32.72 -14.77
C ILE F 98 12.94 32.66 -15.44
N LYS F 99 12.53 31.44 -15.78
CA LYS F 99 11.27 31.19 -16.45
C LYS F 99 10.35 30.34 -15.57
N VAL F 100 9.06 30.59 -15.70
CA VAL F 100 8.02 29.89 -14.95
C VAL F 100 7.17 29.14 -15.97
N LEU F 101 7.15 27.82 -15.83
CA LEU F 101 6.39 26.93 -16.70
C LEU F 101 5.04 26.63 -16.06
N LEU F 102 3.96 27.19 -16.60
CA LEU F 102 2.63 27.00 -16.04
C LEU F 102 1.84 25.95 -16.84
N ILE F 103 0.96 25.24 -16.16
CA ILE F 103 0.04 24.31 -16.81
C ILE F 103 -1.37 24.62 -16.33
N ASN F 104 -2.33 24.60 -17.27
CA ASN F 104 -3.74 24.83 -16.94
C ASN F 104 -4.42 23.49 -16.72
N LEU F 105 -4.57 23.09 -15.45
CA LEU F 105 -5.29 21.87 -15.13
C LEU F 105 -6.70 22.14 -14.65
N GLY F 106 -7.23 23.33 -14.92
CA GLY F 106 -8.61 23.65 -14.62
C GLY F 106 -9.53 23.33 -15.78
N ASN F 107 -10.72 23.95 -15.77
CA ASN F 107 -11.71 23.69 -16.80
C ASN F 107 -12.11 24.95 -17.57
N LYS F 108 -11.32 26.02 -17.48
CA LYS F 108 -11.53 27.19 -18.33
C LYS F 108 -10.17 27.75 -18.74
N ASP F 109 -10.11 28.30 -19.95
CA ASP F 109 -8.90 28.98 -20.39
C ASP F 109 -8.55 30.11 -19.42
N PHE F 110 -7.27 30.37 -19.26
CA PHE F 110 -6.84 31.40 -18.31
C PHE F 110 -5.78 32.29 -18.96
N ILE F 111 -5.93 33.60 -18.77
CA ILE F 111 -5.04 34.57 -19.38
C ILE F 111 -4.05 35.04 -18.33
N ILE F 112 -2.76 34.95 -18.66
CA ILE F 112 -1.69 35.49 -17.82
C ILE F 112 -1.40 36.91 -18.29
N GLU F 113 -1.57 37.88 -17.40
CA GLU F 113 -1.32 39.27 -17.72
C GLU F 113 -0.01 39.72 -17.08
N LYS F 114 0.69 40.64 -17.76
CA LYS F 114 1.84 41.27 -17.14
C LYS F 114 1.46 41.83 -15.77
N GLY F 115 2.31 41.59 -14.78
CA GLY F 115 2.08 42.03 -13.42
C GLY F 115 1.47 40.97 -12.52
N MET F 116 0.93 39.89 -13.08
CA MET F 116 0.32 38.86 -12.27
C MET F 116 1.37 38.07 -11.51
N ARG F 117 1.09 37.80 -10.22
CA ARG F 117 1.93 36.90 -9.46
C ARG F 117 1.65 35.48 -9.93
N ILE F 118 2.68 34.77 -10.40
CA ILE F 118 2.49 33.49 -11.06
C ILE F 118 3.23 32.35 -10.37
N ALA F 119 4.12 32.63 -9.43
CA ALA F 119 4.83 31.58 -8.73
C ALA F 119 5.48 32.20 -7.50
N GLN F 120 6.14 31.37 -6.70
CA GLN F 120 6.94 31.89 -5.59
C GLN F 120 8.28 31.18 -5.61
N MET F 121 9.32 31.91 -5.17
CA MET F 121 10.70 31.46 -5.32
C MET F 121 11.36 31.39 -3.95
N ILE F 122 11.71 30.18 -3.53
CA ILE F 122 12.27 29.93 -2.21
C ILE F 122 13.74 29.62 -2.39
N ILE F 123 14.60 30.26 -1.61
CA ILE F 123 16.03 29.99 -1.67
C ILE F 123 16.40 29.13 -0.47
N ALA F 124 17.15 28.05 -0.72
CA ALA F 124 17.47 27.08 0.31
C ALA F 124 18.88 26.55 0.05
N LYS F 125 19.50 26.03 1.10
CA LYS F 125 20.79 25.36 0.96
C LYS F 125 20.58 23.94 0.48
N TYR F 126 21.52 23.45 -0.29
CA TYR F 126 21.58 22.05 -0.65
C TYR F 126 22.99 21.55 -0.31
N GLU F 127 23.12 20.24 -0.20
CA GLU F 127 24.41 19.62 0.10
C GLU F 127 24.84 18.77 -1.08
N ARG F 128 26.12 18.81 -1.42
CA ARG F 128 26.63 18.06 -2.55
C ARG F 128 27.04 16.65 -2.10
N VAL F 129 26.50 15.64 -2.80
CA VAL F 129 26.73 14.24 -2.43
C VAL F 129 28.04 13.74 -3.00
N LEU F 130 28.82 13.07 -2.15
CA LEU F 130 29.97 12.29 -2.58
C LEU F 130 29.59 10.83 -2.34
N TRP F 131 29.43 10.08 -3.42
CA TRP F 131 28.98 8.69 -3.33
C TRP F 131 30.06 7.81 -2.70
N ALA F 132 29.64 6.97 -1.75
CA ALA F 132 30.51 5.93 -1.19
C ALA F 132 29.86 4.61 -1.61
N GLU F 133 30.32 4.09 -2.74
CA GLU F 133 29.75 2.88 -3.30
C GLU F 133 30.07 1.67 -2.41
N THR F 134 29.08 0.80 -2.25
CA THR F 134 29.22 -0.33 -1.33
C THR F 134 28.31 -1.44 -1.82
N SER F 135 28.66 -2.66 -1.44
CA SER F 135 27.83 -3.81 -1.76
C SER F 135 26.72 -4.03 -0.75
N ILE F 136 26.85 -3.49 0.46
CA ILE F 136 25.95 -3.79 1.56
C ILE F 136 25.56 -2.47 2.23
N LEU F 137 24.28 -2.10 2.14
CA LEU F 137 23.77 -0.97 2.88
C LEU F 137 23.33 -1.42 4.27
N THR F 138 23.33 -0.46 5.20
CA THR F 138 22.86 -0.71 6.55
C THR F 138 21.37 -1.05 6.54
N GLU F 139 20.94 -1.78 7.56
CA GLU F 139 19.57 -2.24 7.62
C GLU F 139 18.71 -1.29 8.45
N THR F 140 17.43 -1.19 8.07
CA THR F 140 16.48 -0.34 8.78
C THR F 140 15.15 -1.08 8.86
N MET F 141 14.33 -0.67 9.82
CA MET F 141 13.02 -1.25 10.07
C MET F 141 11.92 -0.60 9.24
N ARG F 142 12.26 0.37 8.39
CA ARG F 142 11.23 1.06 7.62
C ARG F 142 10.49 0.07 6.72
N GLY F 143 9.18 0.23 6.65
CA GLY F 143 8.40 -0.62 5.78
C GLY F 143 8.76 -0.41 4.31
N ARG F 144 8.10 -1.19 3.46
CA ARG F 144 8.11 -0.81 2.05
C ARG F 144 7.14 0.34 1.84
N GLY F 145 7.40 1.11 0.79
CA GLY F 145 6.67 2.33 0.52
C GLY F 145 5.29 2.09 -0.05
N GLY F 146 4.56 3.19 -0.24
CA GLY F 146 3.18 3.10 -0.70
C GLY F 146 3.04 2.57 -2.12
N PHE F 147 4.05 2.87 -2.98
CA PHE F 147 4.26 2.26 -4.30
C PHE F 147 3.73 0.85 -4.43
N GLY F 148 4.23 -0.04 -3.57
CA GLY F 148 3.96 -1.44 -3.72
C GLY F 148 3.17 -2.07 -2.59
N SER F 149 2.71 -1.27 -1.62
CA SER F 149 1.93 -1.81 -0.50
C SER F 149 0.45 -1.50 -0.72
N THR F 150 -0.37 -1.76 0.30
CA THR F 150 -1.75 -1.28 0.27
C THR F 150 -1.89 0.16 0.74
N GLY F 151 -0.79 0.81 1.11
CA GLY F 151 -0.89 2.15 1.68
C GLY F 151 -1.13 3.26 0.67
N LEU F 152 -1.69 4.37 1.19
CA LEU F 152 -1.77 5.64 0.46
C LEU F 152 -0.53 6.49 0.70
#